data_2IYA
#
_entry.id   2IYA
#
_cell.length_a   51.338
_cell.length_b   103.471
_cell.length_c   74.590
_cell.angle_alpha   90.00
_cell.angle_beta   94.82
_cell.angle_gamma   90.00
#
_symmetry.space_group_name_H-M   'P 1 21 1'
#
loop_
_entity.id
_entity.type
_entity.pdbx_description
1 polymer 'OLEANDOMYCIN GLYCOSYLTRANSFERASE'
2 non-polymer "URIDINE-5'-DIPHOSPHATE"
3 non-polymer '(3S,5R,6S,7R,8R,11R,12S,13R,14S,15S)-6-HYDROXY-5,7,8,11,13,15-HEXAMETHYL-4,10-DIOXO-14-{[3,4,6-TRIDEOXY-3-(DIMETHYLAMINO)-BETA-D-XYLO-HEXOPYRANOSYL]OXY}-1,9-DIOXASPIRO[2.13]HEXADEC-12-YL 2,6-DIDEOXY-3-O-METHYL-ALPHA-L-ARABINO-HEXOPYRANOSIDE'
4 water water
#
_entity_poly.entity_id   1
_entity_poly.type   'polypeptide(L)'
_entity_poly.pdbx_seq_one_letter_code
;MTSEHRSASVTPRHISFFNIPGHGHVNPSLGIVQELVARGHRVSYAITDEFAAQVKAAGATPVVYDSILPKESNPEESWP
EDQESAMGLFLDEAVRVLPQLEDAYADDRPDLIVYDIASWPAPVLGRKWDIPFVQLSPTFVAYEGFEEDVPAVQDPTADR
GEEAAAPAGTGDAEEGAEAEDGLVRFFTRLSAFLEEHGVDTPATEFLIAPNRCIVALPRTFQIKGDTVGDNYTFVGPTYG
DRSHQGTWEGPGDGRPVLLIALGSAFTDHLDFYRTCLSAVDGLDWHVVLSVGRFVDPADLGEVPPNVEVHQWVPQLDILT
KASAFITHAGMGSTMEALSNAVPMVAVPQIAEQTMNAERIVELGLGRHIPRDQVTAEKLREAVLAVASDPGVAERLAAVR
QEIREAGGARAAADILEGILAEAG
;
_entity_poly.pdbx_strand_id   A,B
#
loop_
_chem_comp.id
_chem_comp.type
_chem_comp.name
_chem_comp.formula
UDP RNA linking URIDINE-5'-DIPHOSPHATE 'C9 H14 N2 O12 P2'
ZIO non-polymer '(3S,5R,6S,7R,8R,11R,12S,13R,14S,15S)-6-HYDROXY-5,7,8,11,13,15-HEXAMETHYL-4,10-DIOXO-14-{[3,4,6-TRIDEOXY-3-(DIMETHYLAMINO)-BETA-D-XYLO-HEXOPYRANOSYL]OXY}-1,9-DIOXASPIRO[2.13]HEXADEC-12-YL 2,6-DIDEOXY-3-O-METHYL-ALPHA-L-ARABINO-HEXOPYRANOSIDE' 'C35 H61 N O12'
#
# COMPACT_ATOMS: atom_id res chain seq x y z
N THR A 11 -8.60 -16.26 3.32
CA THR A 11 -8.97 -17.30 2.31
C THR A 11 -8.06 -17.11 1.10
N PRO A 12 -7.35 -18.19 0.69
CA PRO A 12 -6.50 -18.10 -0.50
C PRO A 12 -7.30 -17.70 -1.74
N ARG A 13 -6.69 -16.84 -2.55
CA ARG A 13 -7.29 -16.40 -3.82
C ARG A 13 -6.39 -16.83 -4.97
N HIS A 14 -6.93 -16.74 -6.18
CA HIS A 14 -6.19 -17.06 -7.40
C HIS A 14 -5.82 -15.73 -8.04
N ILE A 15 -4.52 -15.44 -8.04
CA ILE A 15 -4.00 -14.22 -8.65
C ILE A 15 -3.23 -14.60 -9.90
N SER A 16 -3.57 -13.98 -11.03
CA SER A 16 -2.87 -14.21 -12.29
C SER A 16 -1.98 -13.00 -12.61
N PHE A 17 -0.72 -13.28 -12.95
CA PHE A 17 0.17 -12.25 -13.49
C PHE A 17 0.23 -12.42 -15.01
N PHE A 18 0.07 -11.31 -15.74
CA PHE A 18 0.25 -11.31 -17.21
C PHE A 18 1.53 -10.53 -17.47
N ASN A 19 2.46 -11.10 -18.22
CA ASN A 19 3.66 -10.35 -18.54
C ASN A 19 4.09 -10.68 -19.96
N ILE A 20 5.19 -10.06 -20.37
CA ILE A 20 5.78 -10.22 -21.69
C ILE A 20 7.19 -10.77 -21.55
N PRO A 21 7.65 -11.51 -22.56
CA PRO A 21 8.92 -12.23 -22.47
C PRO A 21 10.18 -11.36 -22.56
N GLY A 22 10.45 -10.60 -21.50
CA GLY A 22 11.71 -9.81 -21.37
C GLY A 22 12.11 -9.79 -19.91
N HIS A 23 13.39 -10.04 -19.60
CA HIS A 23 13.83 -10.09 -18.20
C HIS A 23 13.55 -8.78 -17.46
N GLY A 24 13.65 -7.67 -18.16
CA GLY A 24 13.37 -6.37 -17.56
C GLY A 24 11.91 -6.15 -17.16
N HIS A 25 11.01 -6.89 -17.80
CA HIS A 25 9.59 -6.85 -17.45
C HIS A 25 9.23 -7.95 -16.44
N VAL A 26 9.81 -9.14 -16.58
CA VAL A 26 9.50 -10.25 -15.69
C VAL A 26 10.10 -10.10 -14.28
N ASN A 27 11.39 -9.75 -14.21
CA ASN A 27 12.10 -9.77 -12.93
C ASN A 27 11.45 -9.00 -11.78
N PRO A 28 11.03 -7.74 -12.00
CA PRO A 28 10.38 -7.05 -10.86
C PRO A 28 9.13 -7.75 -10.29
N SER A 29 8.38 -8.42 -11.13
CA SER A 29 7.15 -9.05 -10.66
C SER A 29 7.42 -10.22 -9.69
N LEU A 30 8.59 -10.84 -9.82
CA LEU A 30 8.84 -12.11 -9.11
C LEU A 30 8.91 -11.98 -7.59
N GLY A 31 9.38 -10.84 -7.07
CA GLY A 31 9.33 -10.61 -5.62
C GLY A 31 7.91 -10.55 -5.10
N ILE A 32 6.99 -9.99 -5.90
CA ILE A 32 5.59 -9.92 -5.53
C ILE A 32 4.98 -11.32 -5.57
N VAL A 33 5.29 -12.10 -6.62
CA VAL A 33 4.86 -13.49 -6.70
C VAL A 33 5.29 -14.22 -5.42
N GLN A 34 6.57 -14.11 -5.07
CA GLN A 34 7.10 -14.83 -3.91
C GLN A 34 6.37 -14.44 -2.63
N GLU A 35 6.11 -13.15 -2.45
CA GLU A 35 5.37 -12.67 -1.28
C GLU A 35 3.91 -13.17 -1.22
N LEU A 36 3.21 -13.14 -2.35
CA LEU A 36 1.83 -13.65 -2.43
C LEU A 36 1.74 -15.15 -2.15
N VAL A 37 2.68 -15.90 -2.69
CA VAL A 37 2.77 -17.34 -2.46
C VAL A 37 3.02 -17.62 -0.97
N ALA A 38 3.92 -16.83 -0.37
CA ALA A 38 4.23 -16.95 1.07
C ALA A 38 2.98 -16.73 1.93
N ARG A 39 2.12 -15.80 1.49
CA ARG A 39 0.84 -15.47 2.16
C ARG A 39 -0.30 -16.47 1.92
N GLY A 40 -0.04 -17.48 1.09
CA GLY A 40 -0.92 -18.63 0.89
C GLY A 40 -1.80 -18.58 -0.36
N HIS A 41 -1.60 -17.56 -1.21
CA HIS A 41 -2.40 -17.44 -2.45
C HIS A 41 -1.92 -18.41 -3.53
N ARG A 42 -2.82 -18.72 -4.47
CA ARG A 42 -2.47 -19.53 -5.63
C ARG A 42 -2.16 -18.57 -6.77
N VAL A 43 -0.93 -18.61 -7.26
CA VAL A 43 -0.50 -17.64 -8.27
C VAL A 43 -0.19 -18.34 -9.59
N SER A 44 -0.82 -17.87 -10.66
CA SER A 44 -0.52 -18.37 -12.00
C SER A 44 0.14 -17.22 -12.76
N TYR A 45 0.89 -17.55 -13.81
CA TYR A 45 1.73 -16.55 -14.43
C TYR A 45 1.80 -16.81 -15.92
N ALA A 46 1.20 -15.91 -16.70
CA ALA A 46 1.16 -16.05 -18.16
C ALA A 46 2.44 -15.50 -18.76
N ILE A 47 3.21 -16.40 -19.36
CA ILE A 47 4.50 -16.04 -19.93
C ILE A 47 4.87 -17.12 -20.97
N THR A 48 6.01 -16.94 -21.64
CA THR A 48 6.43 -17.91 -22.65
C THR A 48 7.31 -19.01 -22.00
N ASP A 49 7.58 -20.05 -22.79
CA ASP A 49 8.38 -21.20 -22.33
C ASP A 49 9.76 -20.79 -21.80
N GLU A 50 10.36 -19.79 -22.43
CA GLU A 50 11.68 -19.23 -22.07
C GLU A 50 11.78 -18.88 -20.56
N PHE A 51 10.65 -18.44 -19.99
CA PHE A 51 10.66 -17.95 -18.61
C PHE A 51 9.97 -18.88 -17.62
N ALA A 52 9.48 -20.02 -18.11
CA ALA A 52 8.67 -20.91 -17.26
C ALA A 52 9.43 -21.39 -16.03
N ALA A 53 10.69 -21.81 -16.20
CA ALA A 53 11.46 -22.34 -15.08
C ALA A 53 11.65 -21.29 -13.97
N GLN A 54 11.90 -20.05 -14.38
CA GLN A 54 12.10 -18.96 -13.45
C GLN A 54 10.84 -18.60 -12.66
N VAL A 55 9.71 -18.58 -13.37
CA VAL A 55 8.42 -18.31 -12.76
C VAL A 55 8.04 -19.43 -11.78
N LYS A 56 8.27 -20.67 -12.19
CA LYS A 56 8.08 -21.84 -11.33
C LYS A 56 8.88 -21.73 -10.02
N ALA A 57 10.15 -21.37 -10.13
CA ALA A 57 11.03 -21.19 -8.95
C ALA A 57 10.52 -20.14 -7.98
N ALA A 58 9.82 -19.14 -8.50
CA ALA A 58 9.21 -18.09 -7.69
C ALA A 58 7.95 -18.57 -6.99
N GLY A 59 7.40 -19.70 -7.44
CA GLY A 59 6.26 -20.33 -6.76
C GLY A 59 4.95 -20.27 -7.53
N ALA A 60 5.01 -19.72 -8.74
CA ALA A 60 3.82 -19.61 -9.59
C ALA A 60 3.67 -20.77 -10.56
N THR A 61 2.44 -21.01 -11.01
CA THR A 61 2.25 -21.99 -12.09
C THR A 61 2.31 -21.24 -13.43
N PRO A 62 3.27 -21.61 -14.31
CA PRO A 62 3.28 -20.95 -15.63
C PRO A 62 2.06 -21.31 -16.47
N VAL A 63 1.49 -20.30 -17.11
CA VAL A 63 0.47 -20.46 -18.14
C VAL A 63 1.17 -20.06 -19.43
N VAL A 64 1.60 -21.05 -20.20
CA VAL A 64 2.52 -20.79 -21.28
C VAL A 64 1.74 -20.45 -22.54
N TYR A 65 2.11 -19.33 -23.17
CA TYR A 65 1.52 -18.92 -24.44
C TYR A 65 2.60 -18.83 -25.49
N ASP A 66 2.15 -18.81 -26.75
CA ASP A 66 3.03 -18.68 -27.88
C ASP A 66 3.13 -17.20 -28.27
N SER A 67 4.37 -16.73 -28.41
CA SER A 67 4.67 -15.32 -28.66
C SER A 67 5.39 -15.11 -30.00
N ILE A 68 5.16 -13.96 -30.62
CA ILE A 68 5.90 -13.56 -31.80
C ILE A 68 6.95 -12.50 -31.48
N LEU A 69 7.11 -12.19 -30.19
CA LEU A 69 8.09 -11.20 -29.75
C LEU A 69 9.51 -11.79 -29.87
N PRO A 70 10.52 -10.92 -30.12
CA PRO A 70 11.89 -11.41 -30.32
C PRO A 70 12.42 -12.00 -29.04
N LYS A 71 12.87 -13.26 -29.09
CA LYS A 71 13.38 -13.98 -27.92
C LYS A 71 14.75 -13.50 -27.46
N GLU A 72 14.89 -13.13 -26.18
CA GLU A 72 16.18 -12.60 -25.73
C GLU A 72 17.27 -13.68 -25.74
N SER A 73 16.84 -14.95 -25.80
CA SER A 73 17.73 -16.11 -25.95
C SER A 73 18.13 -16.48 -27.39
N ASN A 74 17.42 -15.95 -28.40
CA ASN A 74 17.72 -16.20 -29.82
C ASN A 74 18.54 -15.05 -30.44
N PRO A 75 19.83 -15.30 -30.76
CA PRO A 75 20.68 -14.21 -31.26
C PRO A 75 20.38 -13.80 -32.71
N GLU A 76 19.44 -14.47 -33.35
CA GLU A 76 19.10 -14.13 -34.72
C GLU A 76 18.06 -12.99 -34.84
N GLU A 77 17.50 -12.58 -33.70
CA GLU A 77 16.45 -11.55 -33.73
C GLU A 77 16.58 -10.60 -32.54
N SER A 78 16.08 -9.39 -32.70
CA SER A 78 16.19 -8.36 -31.69
CA SER A 78 16.14 -8.41 -31.63
C SER A 78 14.97 -7.44 -31.64
N TRP A 79 14.83 -6.70 -30.54
CA TRP A 79 13.84 -5.63 -30.42
C TRP A 79 14.24 -4.44 -31.29
N PRO A 80 13.23 -3.65 -31.73
CA PRO A 80 13.55 -2.39 -32.36
C PRO A 80 13.94 -1.39 -31.27
N GLU A 81 14.60 -0.30 -31.65
CA GLU A 81 14.93 0.78 -30.69
C GLU A 81 13.81 1.82 -30.57
N ASP A 82 12.91 1.86 -31.54
CA ASP A 82 11.93 2.95 -31.61
C ASP A 82 10.56 2.56 -31.05
N GLN A 83 9.91 3.51 -30.36
CA GLN A 83 8.66 3.23 -29.69
C GLN A 83 7.55 2.84 -30.66
N GLU A 84 7.50 3.55 -31.79
CA GLU A 84 6.48 3.28 -32.80
C GLU A 84 6.44 1.81 -33.23
N SER A 85 7.60 1.27 -33.62
CA SER A 85 7.70 -0.13 -34.02
C SER A 85 7.37 -1.07 -32.88
N ALA A 86 7.84 -0.75 -31.69
CA ALA A 86 7.60 -1.60 -30.52
C ALA A 86 6.11 -1.68 -30.17
N MET A 87 5.43 -0.53 -30.20
CA MET A 87 4.01 -0.54 -29.91
C MET A 87 3.24 -1.41 -30.93
N GLY A 88 3.62 -1.36 -32.20
CA GLY A 88 3.01 -2.19 -33.25
C GLY A 88 3.16 -3.67 -32.88
N LEU A 89 4.37 -4.03 -32.44
CA LEU A 89 4.67 -5.41 -32.04
CA LEU A 89 4.69 -5.39 -32.04
C LEU A 89 3.78 -5.83 -30.89
N PHE A 90 3.62 -4.95 -29.90
CA PHE A 90 2.84 -5.32 -28.72
C PHE A 90 1.36 -5.44 -29.06
N LEU A 91 0.91 -4.69 -30.06
CA LEU A 91 -0.47 -4.79 -30.52
C LEU A 91 -0.71 -6.14 -31.20
N ASP A 92 0.17 -6.48 -32.15
CA ASP A 92 0.03 -7.73 -32.88
C ASP A 92 0.13 -8.93 -31.92
N GLU A 93 0.99 -8.78 -30.93
CA GLU A 93 1.12 -9.81 -29.91
C GLU A 93 -0.15 -9.93 -29.08
N ALA A 94 -0.73 -8.80 -28.70
CA ALA A 94 -2.00 -8.79 -27.93
C ALA A 94 -3.12 -9.53 -28.68
N VAL A 95 -3.23 -9.28 -29.98
CA VAL A 95 -4.24 -9.95 -30.80
C VAL A 95 -4.10 -11.46 -30.70
N ARG A 96 -2.85 -11.91 -30.74
CA ARG A 96 -2.55 -13.34 -30.82
C ARG A 96 -2.56 -14.00 -29.44
N VAL A 97 -2.24 -13.23 -28.39
CA VAL A 97 -2.13 -13.79 -27.05
C VAL A 97 -3.47 -13.79 -26.32
N LEU A 98 -4.26 -12.74 -26.51
CA LEU A 98 -5.59 -12.67 -25.89
C LEU A 98 -6.41 -14.00 -25.91
N PRO A 99 -6.65 -14.60 -27.09
CA PRO A 99 -7.42 -15.85 -27.11
C PRO A 99 -6.74 -17.02 -26.44
N GLN A 100 -5.41 -17.03 -26.47
CA GLN A 100 -4.68 -18.07 -25.77
C GLN A 100 -4.95 -18.01 -24.26
N LEU A 101 -5.00 -16.80 -23.70
CA LEU A 101 -5.23 -16.65 -22.25
C LEU A 101 -6.68 -16.93 -21.91
N GLU A 102 -7.56 -16.53 -22.83
CA GLU A 102 -8.98 -16.75 -22.59
C GLU A 102 -9.26 -18.24 -22.54
N ASP A 103 -8.64 -19.00 -23.44
CA ASP A 103 -8.74 -20.46 -23.48
CA ASP A 103 -8.78 -20.45 -23.44
C ASP A 103 -8.13 -21.10 -22.22
N ALA A 104 -6.93 -20.65 -21.86
CA ALA A 104 -6.19 -21.23 -20.74
C ALA A 104 -6.95 -21.09 -19.42
N TYR A 105 -7.58 -19.94 -19.23
CA TYR A 105 -8.26 -19.62 -17.97
C TYR A 105 -9.77 -19.87 -18.02
N ALA A 106 -10.24 -20.49 -19.09
CA ALA A 106 -11.69 -20.61 -19.33
C ALA A 106 -12.39 -21.25 -18.11
N ASP A 107 -11.80 -22.29 -17.55
CA ASP A 107 -12.44 -23.05 -16.48
C ASP A 107 -11.96 -22.68 -15.07
N ASP A 108 -11.09 -21.67 -14.99
CA ASP A 108 -10.38 -21.38 -13.75
C ASP A 108 -10.01 -19.90 -13.76
N ARG A 109 -11.01 -19.04 -13.88
CA ARG A 109 -10.74 -17.60 -13.94
C ARG A 109 -10.11 -17.10 -12.64
N PRO A 110 -9.10 -16.23 -12.76
CA PRO A 110 -8.44 -15.65 -11.58
C PRO A 110 -9.37 -14.67 -10.86
N ASP A 111 -9.05 -14.36 -9.62
CA ASP A 111 -9.77 -13.33 -8.84
C ASP A 111 -9.25 -11.91 -9.06
N LEU A 112 -8.04 -11.83 -9.62
CA LEU A 112 -7.38 -10.56 -9.87
CA LEU A 112 -7.31 -10.57 -9.79
C LEU A 112 -6.28 -10.78 -10.89
N ILE A 113 -6.07 -9.78 -11.73
CA ILE A 113 -4.96 -9.80 -12.71
C ILE A 113 -3.97 -8.69 -12.37
N VAL A 114 -2.68 -9.05 -12.27
CA VAL A 114 -1.59 -8.07 -12.15
C VAL A 114 -0.88 -8.09 -13.49
N TYR A 115 -0.77 -6.94 -14.17
CA TYR A 115 -0.27 -6.98 -15.55
C TYR A 115 0.82 -5.98 -15.84
N ASP A 116 1.76 -6.40 -16.68
CA ASP A 116 2.83 -5.53 -17.11
C ASP A 116 2.33 -4.41 -18.04
N ILE A 117 3.12 -3.36 -18.15
CA ILE A 117 2.80 -2.20 -19.01
C ILE A 117 2.51 -2.58 -20.46
N ALA A 118 3.13 -3.66 -20.95
CA ALA A 118 2.95 -4.09 -22.34
C ALA A 118 1.95 -5.26 -22.51
N SER A 119 1.28 -5.66 -21.43
CA SER A 119 0.36 -6.81 -21.48
C SER A 119 -1.06 -6.35 -21.74
N TRP A 120 -1.29 -5.86 -22.97
CA TRP A 120 -2.56 -5.24 -23.33
C TRP A 120 -3.79 -6.16 -23.30
N PRO A 121 -3.63 -7.52 -23.39
CA PRO A 121 -4.83 -8.36 -23.13
C PRO A 121 -5.45 -8.22 -21.71
N ALA A 122 -4.68 -7.77 -20.74
CA ALA A 122 -5.15 -7.78 -19.34
C ALA A 122 -6.41 -6.93 -19.10
N PRO A 123 -6.43 -5.64 -19.53
CA PRO A 123 -7.67 -4.87 -19.34
C PRO A 123 -8.87 -5.43 -20.13
N VAL A 124 -8.60 -6.10 -21.24
CA VAL A 124 -9.67 -6.69 -22.04
C VAL A 124 -10.33 -7.82 -21.24
N LEU A 125 -9.52 -8.72 -20.72
CA LEU A 125 -10.04 -9.85 -19.95
C LEU A 125 -10.53 -9.45 -18.57
N GLY A 126 -9.89 -8.47 -17.92
CA GLY A 126 -10.42 -7.96 -16.64
C GLY A 126 -11.85 -7.44 -16.79
N ARG A 127 -12.11 -6.74 -17.89
CA ARG A 127 -13.45 -6.24 -18.18
C ARG A 127 -14.41 -7.39 -18.50
N LYS A 128 -13.98 -8.30 -19.36
CA LYS A 128 -14.81 -9.43 -19.78
C LYS A 128 -15.21 -10.32 -18.59
N TRP A 129 -14.25 -10.57 -17.70
CA TRP A 129 -14.42 -11.43 -16.55
C TRP A 129 -14.96 -10.70 -15.30
N ASP A 130 -15.06 -9.36 -15.37
CA ASP A 130 -15.47 -8.53 -14.23
C ASP A 130 -14.59 -8.79 -13.01
N ILE A 131 -13.29 -8.69 -13.20
CA ILE A 131 -12.37 -8.81 -12.08
C ILE A 131 -11.40 -7.62 -12.06
N PRO A 132 -10.86 -7.28 -10.88
CA PRO A 132 -9.92 -6.16 -10.81
C PRO A 132 -8.65 -6.47 -11.58
N PHE A 133 -8.08 -5.44 -12.18
CA PHE A 133 -6.80 -5.57 -12.88
C PHE A 133 -5.91 -4.38 -12.51
N VAL A 134 -4.68 -4.69 -12.09
CA VAL A 134 -3.78 -3.68 -11.55
C VAL A 134 -2.47 -3.75 -12.34
N GLN A 135 -2.03 -2.59 -12.83
CA GLN A 135 -0.79 -2.55 -13.60
C GLN A 135 0.42 -2.57 -12.69
N LEU A 136 1.44 -3.30 -13.09
CA LEU A 136 2.73 -3.24 -12.41
C LEU A 136 3.72 -2.62 -13.37
N SER A 137 4.25 -1.46 -13.03
CA SER A 137 5.19 -0.80 -13.91
C SER A 137 6.64 -0.97 -13.50
N PRO A 138 7.46 -1.56 -14.40
CA PRO A 138 8.90 -1.74 -14.13
C PRO A 138 9.68 -0.49 -14.46
N THR A 139 9.02 0.53 -15.01
CA THR A 139 9.74 1.78 -15.35
C THR A 139 8.94 3.01 -14.90
N PHE A 140 9.45 4.20 -15.23
CA PHE A 140 8.73 5.41 -14.85
C PHE A 140 7.35 5.47 -15.55
N VAL A 141 6.43 6.19 -14.92
CA VAL A 141 5.04 6.29 -15.39
C VAL A 141 4.76 7.69 -15.96
N ALA A 142 3.58 7.87 -16.53
CA ALA A 142 3.22 9.13 -17.16
C ALA A 142 3.05 10.17 -16.07
N TYR A 143 3.83 11.23 -16.17
CA TYR A 143 3.74 12.36 -15.25
C TYR A 143 2.99 13.48 -15.98
N GLU A 144 2.71 14.58 -15.28
CA GLU A 144 2.02 15.72 -15.89
C GLU A 144 2.78 16.21 -17.11
N GLY A 145 2.11 16.19 -18.25
CA GLY A 145 2.71 16.62 -19.50
C GLY A 145 3.48 15.54 -20.26
N PHE A 146 3.42 14.29 -19.79
CA PHE A 146 4.15 13.18 -20.42
C PHE A 146 4.00 13.12 -21.94
N GLU A 147 2.77 13.26 -22.41
CA GLU A 147 2.52 13.09 -23.85
C GLU A 147 3.20 14.16 -24.70
N GLU A 148 3.56 15.29 -24.11
CA GLU A 148 4.29 16.30 -24.85
C GLU A 148 5.78 15.95 -24.97
N ASP A 149 6.32 15.32 -23.94
CA ASP A 149 7.72 14.86 -23.95
C ASP A 149 7.90 13.62 -24.81
N VAL A 150 6.85 12.80 -24.89
CA VAL A 150 6.89 11.53 -25.62
C VAL A 150 5.71 11.50 -26.62
N PRO A 151 5.82 12.29 -27.69
CA PRO A 151 4.64 12.52 -28.54
C PRO A 151 4.17 11.31 -29.37
N ALA A 152 4.96 10.24 -29.41
CA ALA A 152 4.50 9.00 -30.06
C ALA A 152 3.21 8.43 -29.46
N VAL A 153 2.91 8.79 -28.21
CA VAL A 153 1.68 8.27 -27.58
C VAL A 153 0.42 9.07 -27.92
N GLN A 154 0.59 10.21 -28.58
CA GLN A 154 -0.54 11.02 -29.03
C GLN A 154 -1.14 10.44 -30.29
N ASP A 155 -2.45 10.27 -30.27
CA ASP A 155 -3.20 9.67 -31.38
C ASP A 155 -3.28 10.68 -32.53
N PRO A 156 -2.62 10.38 -33.68
CA PRO A 156 -2.67 11.35 -34.79
C PRO A 156 -3.98 11.28 -35.59
N THR A 157 -4.82 10.30 -35.29
CA THR A 157 -6.09 10.12 -36.02
C THR A 157 -7.19 10.96 -35.37
N ALA A 179 7.23 6.96 -41.16
CA ALA A 179 7.03 6.98 -39.70
C ALA A 179 5.68 7.63 -39.31
N GLU A 180 5.32 8.67 -40.06
CA GLU A 180 4.02 9.34 -39.89
C GLU A 180 2.88 8.38 -40.23
N ASP A 181 3.00 7.73 -41.39
CA ASP A 181 2.00 6.77 -41.83
C ASP A 181 1.94 5.61 -40.83
N GLY A 182 3.10 5.22 -40.32
CA GLY A 182 3.21 4.12 -39.36
C GLY A 182 2.40 4.37 -38.09
N LEU A 183 2.43 5.60 -37.59
CA LEU A 183 1.73 5.90 -36.33
C LEU A 183 0.21 5.94 -36.57
N VAL A 184 -0.20 6.48 -37.72
CA VAL A 184 -1.60 6.46 -38.11
C VAL A 184 -2.12 5.02 -38.23
N ARG A 185 -1.34 4.15 -38.87
CA ARG A 185 -1.70 2.77 -39.05
C ARG A 185 -1.82 2.08 -37.69
N PHE A 186 -0.84 2.33 -36.83
CA PHE A 186 -0.89 1.76 -35.47
C PHE A 186 -2.15 2.19 -34.71
N PHE A 187 -2.40 3.50 -34.62
CA PHE A 187 -3.58 3.96 -33.84
C PHE A 187 -4.91 3.48 -34.40
N THR A 188 -5.01 3.45 -35.72
CA THR A 188 -6.17 2.87 -36.38
C THR A 188 -6.38 1.43 -35.96
N ARG A 189 -5.30 0.65 -35.96
CA ARG A 189 -5.38 -0.77 -35.61
C ARG A 189 -5.63 -0.99 -34.11
N LEU A 190 -5.06 -0.10 -33.28
CA LEU A 190 -5.26 -0.19 -31.82
C LEU A 190 -6.71 0.08 -31.46
N SER A 191 -7.25 1.15 -32.02
CA SER A 191 -8.65 1.51 -31.80
C SER A 191 -9.58 0.39 -32.23
N ALA A 192 -9.27 -0.24 -33.36
CA ALA A 192 -10.09 -1.33 -33.88
C ALA A 192 -10.06 -2.50 -32.89
N PHE A 193 -8.88 -2.82 -32.37
CA PHE A 193 -8.74 -3.92 -31.42
C PHE A 193 -9.55 -3.64 -30.14
N LEU A 194 -9.40 -2.45 -29.59
CA LEU A 194 -10.04 -2.12 -28.33
C LEU A 194 -11.56 -2.18 -28.49
N GLU A 195 -12.07 -1.48 -29.50
CA GLU A 195 -13.52 -1.50 -29.76
C GLU A 195 -14.10 -2.87 -30.02
N GLU A 196 -13.42 -3.69 -30.82
CA GLU A 196 -13.87 -5.07 -31.06
C GLU A 196 -14.03 -5.85 -29.75
N HIS A 197 -13.12 -5.63 -28.80
CA HIS A 197 -13.11 -6.44 -27.57
C HIS A 197 -13.73 -5.76 -26.36
N GLY A 198 -14.56 -4.75 -26.65
CA GLY A 198 -15.42 -4.12 -25.66
C GLY A 198 -14.75 -3.15 -24.71
N VAL A 199 -13.61 -2.60 -25.10
CA VAL A 199 -12.91 -1.58 -24.31
C VAL A 199 -13.14 -0.24 -24.98
N ASP A 200 -13.82 0.67 -24.28
CA ASP A 200 -14.16 1.98 -24.85
C ASP A 200 -13.17 3.09 -24.47
N THR A 201 -12.13 2.72 -23.74
CA THR A 201 -11.09 3.65 -23.31
C THR A 201 -10.43 4.29 -24.55
N PRO A 202 -10.35 5.63 -24.62
CA PRO A 202 -9.66 6.28 -25.75
C PRO A 202 -8.21 5.76 -25.86
N ALA A 203 -7.68 5.72 -27.08
CA ALA A 203 -6.40 5.03 -27.34
C ALA A 203 -5.23 5.52 -26.49
N THR A 204 -5.00 6.83 -26.45
CA THR A 204 -3.87 7.35 -25.67
C THR A 204 -4.01 7.02 -24.18
N GLU A 205 -5.22 7.19 -23.65
CA GLU A 205 -5.49 6.88 -22.23
C GLU A 205 -5.21 5.41 -21.97
N PHE A 206 -5.64 4.55 -22.89
CA PHE A 206 -5.37 3.12 -22.74
C PHE A 206 -3.87 2.87 -22.58
N LEU A 207 -3.07 3.52 -23.42
CA LEU A 207 -1.63 3.33 -23.45
C LEU A 207 -0.93 3.84 -22.19
N ILE A 208 -1.35 5.00 -21.68
CA ILE A 208 -0.52 5.70 -20.68
C ILE A 208 -1.14 6.00 -19.31
N ALA A 209 -2.43 5.71 -19.13
CA ALA A 209 -3.17 6.11 -17.93
C ALA A 209 -3.94 4.92 -17.31
N PRO A 210 -3.23 4.04 -16.58
CA PRO A 210 -3.91 2.88 -15.97
C PRO A 210 -4.83 3.29 -14.82
N ASN A 211 -5.92 2.57 -14.63
CA ASN A 211 -6.80 2.84 -13.49
C ASN A 211 -6.08 2.69 -12.13
N ARG A 212 -5.18 1.72 -12.04
CA ARG A 212 -4.45 1.48 -10.79
C ARG A 212 -3.10 0.89 -11.15
N CYS A 213 -2.05 1.43 -10.55
CA CYS A 213 -0.70 1.05 -10.90
C CYS A 213 0.20 0.99 -9.68
N ILE A 214 0.99 -0.09 -9.58
CA ILE A 214 2.02 -0.22 -8.56
C ILE A 214 3.37 -0.05 -9.28
N VAL A 215 4.19 0.91 -8.82
CA VAL A 215 5.38 1.31 -9.59
C VAL A 215 6.66 0.85 -8.86
N ALA A 216 7.54 0.15 -9.57
CA ALA A 216 8.67 -0.53 -8.97
C ALA A 216 9.90 0.39 -8.83
N LEU A 217 9.66 1.63 -8.43
CA LEU A 217 10.73 2.57 -8.08
C LEU A 217 10.19 3.58 -7.08
N PRO A 218 11.10 4.26 -6.34
CA PRO A 218 10.55 5.29 -5.42
C PRO A 218 10.11 6.56 -6.15
N ARG A 219 9.17 7.29 -5.56
CA ARG A 219 8.69 8.53 -6.16
C ARG A 219 9.83 9.51 -6.44
N THR A 220 10.84 9.51 -5.57
CA THR A 220 11.96 10.46 -5.72
C THR A 220 12.74 10.25 -7.02
N PHE A 221 12.81 9.01 -7.50
CA PHE A 221 13.48 8.75 -8.77
C PHE A 221 12.62 9.14 -9.97
N GLN A 222 11.31 8.93 -9.84
CA GLN A 222 10.35 9.19 -10.90
C GLN A 222 10.43 10.62 -11.43
N ILE A 223 10.49 10.77 -12.75
CA ILE A 223 10.46 12.12 -13.37
C ILE A 223 9.18 12.84 -12.96
N LYS A 224 9.32 14.04 -12.41
CA LYS A 224 8.14 14.81 -11.96
C LYS A 224 7.18 13.99 -11.08
N GLY A 225 7.78 13.19 -10.19
CA GLY A 225 7.04 12.27 -9.33
C GLY A 225 6.01 12.96 -8.46
N ASP A 226 6.26 14.21 -8.14
CA ASP A 226 5.34 15.01 -7.33
C ASP A 226 4.00 15.29 -8.04
N THR A 227 4.00 15.16 -9.37
CA THR A 227 2.79 15.43 -10.17
C THR A 227 1.99 14.17 -10.49
N VAL A 228 2.45 13.03 -9.99
CA VAL A 228 1.75 11.76 -10.22
C VAL A 228 0.71 11.49 -9.11
N GLY A 229 -0.53 11.24 -9.56
CA GLY A 229 -1.69 11.10 -8.67
C GLY A 229 -1.87 9.78 -7.93
N ASP A 230 -2.90 9.72 -7.10
CA ASP A 230 -3.05 8.64 -6.11
C ASP A 230 -3.46 7.29 -6.69
N ASN A 231 -3.77 7.23 -7.98
CA ASN A 231 -3.94 5.88 -8.56
C ASN A 231 -2.63 5.12 -8.85
N TYR A 232 -1.50 5.79 -8.60
CA TYR A 232 -0.20 5.13 -8.59
C TYR A 232 0.35 5.04 -7.17
N THR A 233 0.99 3.93 -6.87
CA THR A 233 1.72 3.81 -5.61
C THR A 233 3.14 3.41 -5.91
N PHE A 234 4.09 4.21 -5.43
CA PHE A 234 5.53 3.96 -5.69
C PHE A 234 6.10 3.12 -4.55
N VAL A 235 6.49 1.89 -4.83
CA VAL A 235 6.95 1.00 -3.75
C VAL A 235 8.45 0.69 -3.82
N GLY A 236 9.15 1.32 -4.77
CA GLY A 236 10.56 0.98 -5.04
C GLY A 236 10.67 -0.41 -5.67
N PRO A 237 11.91 -0.91 -5.87
CA PRO A 237 12.08 -2.20 -6.55
C PRO A 237 11.39 -3.35 -5.82
N THR A 238 10.83 -4.28 -6.59
CA THR A 238 10.04 -5.35 -5.99
C THR A 238 10.66 -6.72 -6.24
N TYR A 239 11.92 -6.74 -6.70
CA TYR A 239 12.56 -8.01 -7.01
C TYR A 239 12.71 -8.84 -5.75
N GLY A 240 12.75 -10.16 -5.92
CA GLY A 240 12.77 -11.04 -4.77
C GLY A 240 14.09 -11.75 -4.61
N ASP A 241 14.02 -12.91 -3.98
CA ASP A 241 15.13 -13.83 -3.82
C ASP A 241 15.43 -14.45 -5.20
N ARG A 242 16.61 -14.18 -5.73
CA ARG A 242 16.96 -14.69 -7.06
C ARG A 242 17.91 -15.89 -6.98
N SER A 243 17.67 -16.76 -6.00
CA SER A 243 18.53 -17.93 -5.79
C SER A 243 18.55 -18.87 -7.00
N HIS A 244 17.48 -18.82 -7.81
CA HIS A 244 17.41 -19.58 -9.07
C HIS A 244 18.63 -19.34 -9.94
N GLN A 245 19.13 -18.10 -9.95
CA GLN A 245 20.34 -17.76 -10.72
C GLN A 245 21.63 -18.29 -10.08
N GLY A 246 21.52 -18.70 -8.82
CA GLY A 246 22.68 -19.13 -8.05
C GLY A 246 23.58 -17.97 -7.67
N THR A 247 24.69 -18.30 -7.00
CA THR A 247 25.64 -17.34 -6.48
C THR A 247 26.74 -17.09 -7.50
N TRP A 248 27.37 -15.92 -7.41
CA TRP A 248 28.63 -15.69 -8.09
C TRP A 248 29.75 -15.79 -7.05
N GLU A 249 30.78 -16.56 -7.35
CA GLU A 249 31.90 -16.69 -6.41
C GLU A 249 33.02 -15.75 -6.84
N GLY A 250 33.25 -14.70 -6.08
CA GLY A 250 34.33 -13.77 -6.39
C GLY A 250 35.69 -14.34 -6.03
N PRO A 251 36.78 -13.69 -6.50
CA PRO A 251 38.13 -14.13 -6.15
C PRO A 251 38.40 -14.13 -4.63
N GLY A 252 37.70 -13.31 -3.87
CA GLY A 252 37.85 -13.26 -2.41
C GLY A 252 39.22 -12.74 -1.98
N ASP A 253 39.76 -11.80 -2.77
CA ASP A 253 41.04 -11.13 -2.52
C ASP A 253 40.94 -9.71 -1.95
N GLY A 254 39.72 -9.24 -1.70
CA GLY A 254 39.50 -7.89 -1.19
C GLY A 254 39.55 -6.80 -2.25
N ARG A 255 39.79 -7.17 -3.50
CA ARG A 255 39.88 -6.16 -4.58
C ARG A 255 38.45 -5.72 -4.96
N PRO A 256 38.28 -4.44 -5.31
CA PRO A 256 36.95 -3.96 -5.69
C PRO A 256 36.53 -4.65 -6.99
N VAL A 257 35.23 -4.91 -7.08
CA VAL A 257 34.64 -5.61 -8.19
C VAL A 257 33.83 -4.65 -9.06
N LEU A 258 34.09 -4.70 -10.35
CA LEU A 258 33.33 -3.88 -11.32
C LEU A 258 32.45 -4.83 -12.11
N LEU A 259 31.15 -4.54 -12.21
CA LEU A 259 30.29 -5.24 -13.15
C LEU A 259 30.10 -4.39 -14.41
N ILE A 260 30.19 -5.03 -15.58
CA ILE A 260 29.84 -4.37 -16.83
C ILE A 260 28.72 -5.19 -17.47
N ALA A 261 27.53 -4.60 -17.61
CA ALA A 261 26.40 -5.31 -18.22
C ALA A 261 25.40 -4.29 -18.78
N LEU A 262 25.01 -4.48 -20.03
CA LEU A 262 24.05 -3.59 -20.72
C LEU A 262 22.60 -4.16 -20.80
N GLY A 263 22.19 -4.90 -19.79
CA GLY A 263 20.80 -5.35 -19.76
C GLY A 263 20.53 -6.65 -20.49
N SER A 264 19.26 -6.91 -20.79
CA SER A 264 18.89 -8.19 -21.39
C SER A 264 18.47 -8.06 -22.85
N ALA A 265 18.54 -6.85 -23.40
CA ALA A 265 18.04 -6.65 -24.77
C ALA A 265 19.03 -6.01 -25.73
N PHE A 266 19.54 -4.84 -25.40
CA PHE A 266 20.29 -4.06 -26.39
C PHE A 266 21.79 -4.20 -26.15
N THR A 267 22.27 -5.42 -26.32
CA THR A 267 23.62 -5.78 -25.85
C THR A 267 24.60 -6.05 -26.98
N ASP A 268 24.14 -5.99 -28.24
CA ASP A 268 25.04 -6.38 -29.34
C ASP A 268 26.08 -5.30 -29.70
N HIS A 269 27.16 -5.24 -28.91
CA HIS A 269 28.10 -4.12 -28.95
C HIS A 269 29.55 -4.56 -28.78
N LEU A 270 30.02 -5.40 -29.70
CA LEU A 270 31.38 -5.95 -29.62
C LEU A 270 32.45 -4.89 -29.45
N ASP A 271 32.36 -3.81 -30.24
CA ASP A 271 33.37 -2.76 -30.18
C ASP A 271 33.40 -2.09 -28.80
N PHE A 272 32.22 -1.88 -28.22
CA PHE A 272 32.14 -1.33 -26.89
C PHE A 272 32.83 -2.26 -25.88
N TYR A 273 32.57 -3.56 -25.99
CA TYR A 273 33.15 -4.52 -25.04
C TYR A 273 34.67 -4.59 -25.19
N ARG A 274 35.16 -4.45 -26.42
CA ARG A 274 36.63 -4.39 -26.61
C ARG A 274 37.22 -3.15 -25.95
N THR A 275 36.51 -2.03 -26.05
CA THR A 275 36.88 -0.77 -25.39
C THR A 275 36.93 -0.91 -23.86
N CYS A 276 35.96 -1.64 -23.30
CA CYS A 276 35.95 -1.96 -21.86
C CYS A 276 37.19 -2.76 -21.43
N LEU A 277 37.62 -3.70 -22.27
CA LEU A 277 38.79 -4.51 -21.97
C LEU A 277 40.03 -3.62 -21.83
N SER A 278 40.16 -2.67 -22.76
CA SER A 278 41.27 -1.69 -22.71
C SER A 278 41.15 -0.77 -21.50
N ALA A 279 39.91 -0.39 -21.17
CA ALA A 279 39.66 0.47 -20.02
C ALA A 279 40.12 -0.20 -18.71
N VAL A 280 39.96 -1.51 -18.58
CA VAL A 280 40.20 -2.18 -17.30
C VAL A 280 41.57 -2.87 -17.20
N ASP A 281 42.33 -2.82 -18.28
CA ASP A 281 43.63 -3.45 -18.33
C ASP A 281 44.57 -2.73 -17.38
N GLY A 282 45.09 -3.46 -16.39
CA GLY A 282 45.98 -2.87 -15.40
C GLY A 282 45.29 -2.21 -14.22
N LEU A 283 43.95 -2.19 -14.23
CA LEU A 283 43.18 -1.68 -13.10
C LEU A 283 43.30 -2.69 -11.96
N ASP A 284 43.45 -2.19 -10.74
CA ASP A 284 43.55 -3.08 -9.59
C ASP A 284 42.15 -3.45 -9.05
N TRP A 285 41.35 -4.02 -9.96
CA TRP A 285 39.97 -4.37 -9.71
C TRP A 285 39.73 -5.73 -10.36
N HIS A 286 38.78 -6.51 -9.82
CA HIS A 286 38.26 -7.66 -10.54
C HIS A 286 37.07 -7.19 -11.39
N VAL A 287 36.97 -7.66 -12.64
CA VAL A 287 35.90 -7.21 -13.55
C VAL A 287 35.08 -8.38 -14.04
N VAL A 288 33.76 -8.28 -13.94
CA VAL A 288 32.87 -9.25 -14.53
C VAL A 288 32.23 -8.53 -15.72
N LEU A 289 32.47 -9.08 -16.91
CA LEU A 289 31.95 -8.51 -18.16
C LEU A 289 30.86 -9.44 -18.70
N SER A 290 29.64 -8.93 -18.77
CA SER A 290 28.54 -9.70 -19.36
C SER A 290 28.33 -9.14 -20.75
N VAL A 291 28.46 -9.97 -21.79
CA VAL A 291 28.44 -9.45 -23.17
C VAL A 291 27.13 -9.67 -23.92
N GLY A 292 26.17 -10.32 -23.28
CA GLY A 292 24.87 -10.56 -23.96
C GLY A 292 24.90 -11.75 -24.89
N ARG A 293 23.74 -12.06 -25.44
CA ARG A 293 23.55 -13.28 -26.24
C ARG A 293 24.01 -13.17 -27.69
N PHE A 294 24.27 -11.95 -28.16
CA PHE A 294 24.66 -11.74 -29.55
C PHE A 294 26.17 -11.85 -29.80
N VAL A 295 26.95 -11.78 -28.72
CA VAL A 295 28.42 -11.70 -28.81
C VAL A 295 29.02 -12.98 -28.23
N ASP A 296 29.85 -13.63 -29.05
CA ASP A 296 30.58 -14.82 -28.60
C ASP A 296 31.77 -14.34 -27.75
N PRO A 297 31.85 -14.75 -26.46
CA PRO A 297 32.99 -14.29 -25.63
C PRO A 297 34.35 -14.55 -26.28
N ALA A 298 34.45 -15.58 -27.10
CA ALA A 298 35.71 -15.87 -27.78
C ALA A 298 36.11 -14.80 -28.82
N ASP A 299 35.16 -13.97 -29.25
CA ASP A 299 35.43 -12.90 -30.21
C ASP A 299 36.09 -11.67 -29.56
N LEU A 300 36.28 -11.74 -28.24
CA LEU A 300 37.00 -10.70 -27.52
C LEU A 300 38.50 -11.02 -27.42
N GLY A 301 38.83 -12.26 -27.78
CA GLY A 301 40.21 -12.76 -27.75
C GLY A 301 40.74 -13.00 -26.35
N GLU A 302 42.03 -12.72 -26.18
CA GLU A 302 42.68 -12.80 -24.86
C GLU A 302 42.27 -11.58 -24.02
N VAL A 303 41.70 -11.86 -22.86
CA VAL A 303 41.24 -10.79 -21.98
C VAL A 303 42.25 -10.62 -20.86
N PRO A 304 42.37 -9.38 -20.32
CA PRO A 304 43.27 -9.20 -19.18
C PRO A 304 42.94 -10.18 -18.05
N PRO A 305 43.95 -10.57 -17.24
CA PRO A 305 43.80 -11.57 -16.18
C PRO A 305 42.80 -11.23 -15.05
N ASN A 306 42.43 -9.95 -14.92
CA ASN A 306 41.44 -9.52 -13.92
C ASN A 306 40.01 -9.52 -14.45
N VAL A 307 39.79 -10.07 -15.64
CA VAL A 307 38.48 -10.06 -16.26
C VAL A 307 37.92 -11.45 -16.47
N GLU A 308 36.65 -11.63 -16.10
CA GLU A 308 35.93 -12.83 -16.51
C GLU A 308 34.77 -12.40 -17.40
N VAL A 309 34.60 -13.13 -18.51
CA VAL A 309 33.62 -12.78 -19.55
C VAL A 309 32.56 -13.87 -19.67
N HIS A 310 31.29 -13.47 -19.71
CA HIS A 310 30.18 -14.41 -19.84
C HIS A 310 29.13 -13.76 -20.73
N GLN A 311 28.26 -14.55 -21.36
CA GLN A 311 27.12 -13.93 -22.04
C GLN A 311 26.07 -13.44 -21.04
N TRP A 312 25.97 -14.10 -19.89
CA TRP A 312 24.88 -13.83 -18.93
C TRP A 312 25.39 -14.13 -17.52
N VAL A 313 25.12 -13.25 -16.56
CA VAL A 313 25.63 -13.41 -15.20
C VAL A 313 24.54 -13.26 -14.13
N PRO A 314 24.81 -13.73 -12.89
CA PRO A 314 23.90 -13.47 -11.77
C PRO A 314 24.11 -12.04 -11.30
N GLN A 315 23.51 -11.12 -12.04
CA GLN A 315 23.77 -9.69 -11.82
C GLN A 315 23.43 -9.22 -10.41
N LEU A 316 22.26 -9.63 -9.90
CA LEU A 316 21.85 -9.14 -8.60
C LEU A 316 22.86 -9.60 -7.54
N ASP A 317 23.26 -10.88 -7.62
CA ASP A 317 24.25 -11.35 -6.67
C ASP A 317 25.57 -10.58 -6.75
N ILE A 318 26.05 -10.33 -7.97
CA ILE A 318 27.28 -9.58 -8.14
C ILE A 318 27.15 -8.15 -7.60
N LEU A 319 25.99 -7.52 -7.84
CA LEU A 319 25.78 -6.17 -7.35
C LEU A 319 25.82 -6.07 -5.83
N THR A 320 25.49 -7.15 -5.13
CA THR A 320 25.64 -7.15 -3.66
C THR A 320 27.13 -7.11 -3.24
N LYS A 321 28.01 -7.39 -4.19
CA LYS A 321 29.48 -7.47 -3.94
C LYS A 321 30.29 -6.41 -4.68
N ALA A 322 29.62 -5.60 -5.52
CA ALA A 322 30.29 -4.69 -6.43
C ALA A 322 30.62 -3.32 -5.84
N SER A 323 31.66 -2.69 -6.37
CA SER A 323 32.02 -1.32 -6.02
C SER A 323 31.71 -0.30 -7.12
N ALA A 324 31.40 -0.77 -8.33
CA ALA A 324 30.98 0.10 -9.42
C ALA A 324 30.30 -0.73 -10.48
N PHE A 325 29.54 -0.05 -11.34
CA PHE A 325 28.73 -0.73 -12.33
C PHE A 325 28.68 0.11 -13.59
N ILE A 326 29.15 -0.45 -14.71
CA ILE A 326 28.94 0.16 -16.05
C ILE A 326 27.69 -0.50 -16.59
N THR A 327 26.68 0.33 -16.81
CA THR A 327 25.30 -0.11 -17.07
C THR A 327 24.69 0.71 -18.22
N HIS A 328 23.67 0.17 -18.86
CA HIS A 328 22.88 0.95 -19.83
C HIS A 328 21.83 1.82 -19.10
N ALA A 329 21.69 1.65 -17.78
CA ALA A 329 20.69 2.40 -16.98
C ALA A 329 19.25 2.02 -17.31
N GLY A 330 19.01 0.76 -17.68
CA GLY A 330 17.65 0.21 -17.64
C GLY A 330 17.14 0.37 -16.20
N MET A 331 15.82 0.45 -16.00
CA MET A 331 15.32 0.71 -14.63
C MET A 331 15.64 -0.42 -13.64
N GLY A 332 15.51 -1.66 -14.09
CA GLY A 332 15.79 -2.82 -13.22
C GLY A 332 17.24 -2.78 -12.73
N SER A 333 18.16 -2.61 -13.68
CA SER A 333 19.58 -2.57 -13.36
C SER A 333 19.89 -1.39 -12.40
N THR A 334 19.27 -0.25 -12.69
CA THR A 334 19.41 0.95 -11.86
C THR A 334 18.94 0.67 -10.45
N MET A 335 17.73 0.11 -10.33
CA MET A 335 17.19 -0.15 -8.99
C MET A 335 17.95 -1.26 -8.22
N GLU A 336 18.49 -2.25 -8.95
CA GLU A 336 19.33 -3.27 -8.28
C GLU A 336 20.65 -2.67 -7.73
N ALA A 337 21.27 -1.81 -8.54
CA ALA A 337 22.47 -1.11 -8.09
C ALA A 337 22.17 -0.19 -6.89
N LEU A 338 21.11 0.60 -7.01
CA LEU A 338 20.78 1.57 -5.91
C LEU A 338 20.38 0.88 -4.62
N SER A 339 19.73 -0.27 -4.73
CA SER A 339 19.36 -1.07 -3.56
C SER A 339 20.61 -1.51 -2.83
N ASN A 340 21.71 -1.60 -3.58
CA ASN A 340 23.00 -2.05 -3.04
C ASN A 340 24.06 -0.95 -2.93
N ALA A 341 23.62 0.30 -3.05
CA ALA A 341 24.50 1.49 -2.99
C ALA A 341 25.73 1.38 -3.92
N VAL A 342 25.51 0.93 -5.16
CA VAL A 342 26.61 0.77 -6.12
C VAL A 342 26.65 1.94 -7.12
N PRO A 343 27.76 2.70 -7.17
CA PRO A 343 27.81 3.84 -8.10
C PRO A 343 27.84 3.36 -9.54
N MET A 344 27.28 4.18 -10.43
CA MET A 344 27.08 3.75 -11.80
C MET A 344 27.77 4.69 -12.80
N VAL A 345 28.22 4.09 -13.89
CA VAL A 345 28.61 4.83 -15.09
C VAL A 345 27.63 4.35 -16.16
N ALA A 346 26.76 5.26 -16.60
CA ALA A 346 25.62 4.87 -17.43
C ALA A 346 25.94 5.19 -18.88
N VAL A 347 25.76 4.19 -19.75
CA VAL A 347 25.93 4.31 -21.19
C VAL A 347 24.60 3.83 -21.86
N PRO A 348 23.59 4.73 -21.93
CA PRO A 348 22.23 4.39 -22.38
C PRO A 348 22.17 3.98 -23.84
N GLN A 349 21.22 3.12 -24.18
CA GLN A 349 21.01 2.73 -25.57
C GLN A 349 19.78 3.48 -26.15
N ILE A 350 18.64 3.43 -25.45
CA ILE A 350 17.41 4.01 -25.95
C ILE A 350 16.99 5.21 -25.09
N ALA A 351 16.06 6.02 -25.60
CA ALA A 351 15.62 7.22 -24.89
C ALA A 351 15.20 7.00 -23.43
N GLU A 352 14.48 5.91 -23.14
CA GLU A 352 14.10 5.62 -21.75
C GLU A 352 15.35 5.60 -20.88
N GLN A 353 16.39 4.93 -21.36
CA GLN A 353 17.63 4.81 -20.59
C GLN A 353 18.36 6.13 -20.45
N THR A 354 18.29 6.97 -21.47
CA THR A 354 18.90 8.31 -21.37
C THR A 354 18.20 9.10 -20.26
N MET A 355 16.88 8.98 -20.20
CA MET A 355 16.11 9.67 -19.13
C MET A 355 16.54 9.15 -17.74
N ASN A 356 16.72 7.83 -17.60
CA ASN A 356 17.19 7.25 -16.34
C ASN A 356 18.59 7.73 -16.01
N ALA A 357 19.45 7.79 -17.02
CA ALA A 357 20.83 8.27 -16.80
C ALA A 357 20.84 9.73 -16.33
N GLU A 358 19.97 10.56 -16.90
CA GLU A 358 19.88 11.97 -16.46
C GLU A 358 19.45 12.07 -14.99
N ARG A 359 18.51 11.23 -14.59
CA ARG A 359 18.05 11.20 -13.19
C ARG A 359 19.20 10.79 -12.25
N ILE A 360 19.98 9.80 -12.67
CA ILE A 360 21.17 9.33 -11.93
C ILE A 360 22.13 10.50 -11.71
N VAL A 361 22.36 11.28 -12.77
CA VAL A 361 23.25 12.45 -12.68
C VAL A 361 22.66 13.51 -11.75
N GLU A 362 21.40 13.86 -11.99
CA GLU A 362 20.70 14.87 -11.18
C GLU A 362 20.70 14.54 -9.69
N LEU A 363 20.59 13.26 -9.36
CA LEU A 363 20.56 12.80 -7.96
C LEU A 363 21.96 12.57 -7.39
N GLY A 364 22.97 12.71 -8.25
CA GLY A 364 24.37 12.63 -7.82
C GLY A 364 24.78 11.21 -7.47
N LEU A 365 24.31 10.26 -8.27
CA LEU A 365 24.55 8.82 -7.99
C LEU A 365 25.48 8.13 -8.98
N GLY A 366 25.98 8.90 -9.95
CA GLY A 366 26.86 8.35 -10.97
C GLY A 366 27.17 9.34 -12.08
N ARG A 367 27.70 8.80 -13.17
CA ARG A 367 28.11 9.58 -14.33
C ARG A 367 27.38 9.05 -15.56
N HIS A 368 27.20 9.93 -16.53
CA HIS A 368 26.52 9.57 -17.77
C HIS A 368 27.51 9.85 -18.89
N ILE A 369 27.81 8.80 -19.66
CA ILE A 369 28.63 8.90 -20.87
C ILE A 369 27.79 8.42 -22.05
N PRO A 370 27.32 9.36 -22.89
CA PRO A 370 26.57 8.97 -24.09
C PRO A 370 27.32 7.97 -24.98
N ARG A 371 26.59 7.03 -25.57
CA ARG A 371 27.14 5.89 -26.31
C ARG A 371 28.22 6.23 -27.34
N ASP A 372 27.98 7.23 -28.18
CA ASP A 372 29.01 7.51 -29.18
C ASP A 372 30.08 8.50 -28.72
N GLN A 373 30.15 8.74 -27.40
CA GLN A 373 31.23 9.51 -26.76
C GLN A 373 32.16 8.68 -25.84
N VAL A 374 32.03 7.35 -25.92
CA VAL A 374 32.80 6.42 -25.08
C VAL A 374 34.23 6.20 -25.58
N THR A 375 35.20 6.27 -24.66
CA THR A 375 36.57 5.79 -24.91
C THR A 375 37.09 4.95 -23.73
N ALA A 376 38.18 4.22 -23.94
CA ALA A 376 38.80 3.47 -22.86
C ALA A 376 39.17 4.38 -21.67
N GLU A 377 39.82 5.52 -21.97
CA GLU A 377 40.25 6.45 -20.92
C GLU A 377 39.09 7.05 -20.14
N LYS A 378 38.02 7.40 -20.83
CA LYS A 378 36.84 7.98 -20.20
C LYS A 378 36.16 6.99 -19.25
N LEU A 379 36.04 5.73 -19.68
CA LEU A 379 35.43 4.68 -18.88
C LEU A 379 36.25 4.44 -17.62
N ARG A 380 37.56 4.26 -17.80
CA ARG A 380 38.46 4.05 -16.66
C ARG A 380 38.36 5.20 -15.64
N GLU A 381 38.49 6.44 -16.12
CA GLU A 381 38.43 7.62 -15.26
C GLU A 381 37.10 7.69 -14.49
N ALA A 382 35.99 7.43 -15.20
CA ALA A 382 34.64 7.48 -14.60
C ALA A 382 34.45 6.44 -13.49
N VAL A 383 34.87 5.21 -13.77
CA VAL A 383 34.77 4.12 -12.77
C VAL A 383 35.54 4.50 -11.51
N LEU A 384 36.78 4.93 -11.72
CA LEU A 384 37.65 5.33 -10.59
C LEU A 384 37.08 6.52 -9.82
N ALA A 385 36.53 7.50 -10.53
CA ALA A 385 35.94 8.70 -9.92
C ALA A 385 34.68 8.35 -9.10
N VAL A 386 33.73 7.62 -9.69
CA VAL A 386 32.48 7.38 -8.96
C VAL A 386 32.68 6.47 -7.75
N ALA A 387 33.65 5.55 -7.83
CA ALA A 387 33.86 4.56 -6.76
C ALA A 387 34.56 5.16 -5.55
N SER A 388 35.21 6.32 -5.74
CA SER A 388 36.00 6.95 -4.68
C SER A 388 35.46 8.29 -4.17
N ASP A 389 34.37 8.75 -4.76
CA ASP A 389 33.73 10.01 -4.38
C ASP A 389 32.92 9.87 -3.09
N PRO A 390 33.35 10.57 -2.01
CA PRO A 390 32.61 10.40 -0.75
C PRO A 390 31.19 10.99 -0.78
N GLY A 391 30.98 12.01 -1.62
CA GLY A 391 29.66 12.64 -1.81
C GLY A 391 28.69 11.68 -2.50
N VAL A 392 29.17 11.04 -3.58
CA VAL A 392 28.42 9.96 -4.24
C VAL A 392 28.10 8.85 -3.24
N ALA A 393 29.09 8.43 -2.45
CA ALA A 393 28.86 7.39 -1.44
C ALA A 393 27.80 7.81 -0.43
N GLU A 394 27.85 9.06 0.05
CA GLU A 394 26.84 9.57 0.98
C GLU A 394 25.44 9.49 0.35
N ARG A 395 25.34 9.94 -0.90
CA ARG A 395 24.05 9.98 -1.59
C ARG A 395 23.50 8.59 -1.89
N LEU A 396 24.38 7.66 -2.24
CA LEU A 396 23.97 6.26 -2.46
C LEU A 396 23.45 5.63 -1.17
N ALA A 397 24.10 5.94 -0.04
CA ALA A 397 23.65 5.46 1.26
C ALA A 397 22.24 5.96 1.58
N ALA A 398 22.00 7.24 1.28
CA ALA A 398 20.68 7.86 1.50
C ALA A 398 19.61 7.19 0.64
N VAL A 399 19.94 6.97 -0.63
CA VAL A 399 18.98 6.36 -1.58
C VAL A 399 18.69 4.89 -1.25
N ARG A 400 19.72 4.17 -0.80
CA ARG A 400 19.52 2.79 -0.36
C ARG A 400 18.50 2.78 0.79
N GLN A 401 18.61 3.74 1.69
CA GLN A 401 17.68 3.81 2.82
C GLN A 401 16.25 4.15 2.36
N GLU A 402 16.13 5.09 1.41
CA GLU A 402 14.84 5.44 0.80
C GLU A 402 14.17 4.16 0.21
N ILE A 403 14.97 3.36 -0.49
CA ILE A 403 14.46 2.12 -1.06
C ILE A 403 14.01 1.14 0.03
N ARG A 404 14.79 1.02 1.11
CA ARG A 404 14.40 0.15 2.23
C ARG A 404 13.08 0.59 2.86
N GLU A 405 12.72 1.87 2.70
CA GLU A 405 11.53 2.46 3.31
C GLU A 405 10.37 2.53 2.33
N ALA A 406 10.61 2.17 1.08
CA ALA A 406 9.61 2.39 0.02
C ALA A 406 8.48 1.39 0.05
N GLY A 407 8.73 0.21 0.63
CA GLY A 407 7.70 -0.81 0.85
C GLY A 407 7.92 -2.11 0.09
N GLY A 408 8.46 -2.00 -1.12
CA GLY A 408 8.83 -3.17 -1.91
C GLY A 408 7.71 -4.17 -2.16
N ALA A 409 8.08 -5.43 -2.33
CA ALA A 409 7.10 -6.49 -2.58
C ALA A 409 6.06 -6.64 -1.46
N ARG A 410 6.47 -6.39 -0.22
CA ARG A 410 5.53 -6.41 0.92
C ARG A 410 4.40 -5.41 0.75
N ALA A 411 4.74 -4.15 0.44
CA ALA A 411 3.73 -3.11 0.22
C ALA A 411 2.87 -3.45 -0.98
N ALA A 412 3.50 -3.95 -2.04
CA ALA A 412 2.74 -4.29 -3.27
C ALA A 412 1.72 -5.39 -2.99
N ALA A 413 2.13 -6.42 -2.26
CA ALA A 413 1.21 -7.48 -1.87
C ALA A 413 0.09 -6.98 -0.95
N ASP A 414 0.42 -6.09 -0.02
CA ASP A 414 -0.61 -5.44 0.82
C ASP A 414 -1.72 -4.77 -0.01
N ILE A 415 -1.29 -3.99 -1.01
CA ILE A 415 -2.18 -3.24 -1.90
C ILE A 415 -3.08 -4.25 -2.62
N LEU A 416 -2.47 -5.28 -3.20
CA LEU A 416 -3.25 -6.31 -3.92
C LEU A 416 -4.22 -7.03 -2.99
N GLU A 417 -3.79 -7.35 -1.77
CA GLU A 417 -4.71 -7.98 -0.83
C GLU A 417 -5.90 -7.09 -0.42
N GLY A 418 -5.67 -5.78 -0.36
CA GLY A 418 -6.73 -4.78 -0.10
C GLY A 418 -7.79 -4.82 -1.19
N ILE A 419 -7.34 -4.99 -2.43
CA ILE A 419 -8.26 -5.09 -3.56
C ILE A 419 -9.02 -6.41 -3.50
N LEU A 420 -8.32 -7.48 -3.16
CA LEU A 420 -8.94 -8.81 -3.06
C LEU A 420 -9.98 -8.88 -1.96
N ALA A 421 -9.80 -8.06 -0.93
CA ALA A 421 -10.69 -8.03 0.23
C ALA A 421 -12.10 -7.58 -0.18
N GLU A 422 -12.16 -6.76 -1.22
CA GLU A 422 -13.41 -6.23 -1.75
C GLU A 422 -13.95 -7.11 -2.87
N ALA A 423 -13.05 -7.65 -3.68
CA ALA A 423 -13.42 -8.36 -4.90
C ALA A 423 -13.85 -9.81 -4.69
N VAL B 10 1.91 31.86 23.59
CA VAL B 10 2.85 32.83 22.95
C VAL B 10 4.26 32.70 23.52
N THR B 11 5.13 31.92 22.87
CA THR B 11 4.80 31.10 21.70
C THR B 11 3.99 29.87 22.15
N PRO B 12 2.84 29.61 21.49
CA PRO B 12 2.04 28.43 21.80
C PRO B 12 2.81 27.13 21.67
N ARG B 13 2.54 26.18 22.58
CA ARG B 13 3.16 24.85 22.47
C ARG B 13 2.62 24.15 21.22
N HIS B 14 3.45 23.27 20.66
CA HIS B 14 3.10 22.56 19.43
C HIS B 14 2.79 21.11 19.81
N ILE B 15 1.53 20.73 19.62
CA ILE B 15 1.11 19.34 19.88
C ILE B 15 0.83 18.67 18.54
N SER B 16 1.41 17.50 18.33
CA SER B 16 1.20 16.74 17.09
C SER B 16 0.34 15.52 17.36
N PHE B 17 -0.68 15.32 16.53
CA PHE B 17 -1.45 14.07 16.54
C PHE B 17 -1.00 13.18 15.39
N PHE B 18 -0.76 11.91 15.68
CA PHE B 18 -0.44 10.94 14.62
C PHE B 18 -1.66 10.03 14.55
N ASN B 19 -2.28 9.90 13.38
CA ASN B 19 -3.37 8.94 13.29
C ASN B 19 -3.31 8.16 11.99
N ILE B 20 -4.22 7.21 11.85
CA ILE B 20 -4.37 6.42 10.64
C ILE B 20 -5.69 6.80 9.95
N PRO B 21 -5.76 6.64 8.62
CA PRO B 21 -6.92 7.04 7.84
C PRO B 21 -8.14 6.12 7.95
N GLY B 22 -8.88 6.26 9.05
CA GLY B 22 -10.23 5.66 9.16
C GLY B 22 -11.06 6.51 10.11
N HIS B 23 -12.33 6.73 9.79
CA HIS B 23 -13.21 7.59 10.60
C HIS B 23 -13.29 7.11 12.06
N GLY B 24 -13.25 5.79 12.26
CA GLY B 24 -13.33 5.24 13.60
C GLY B 24 -12.10 5.60 14.44
N HIS B 25 -10.98 5.89 13.78
CA HIS B 25 -9.77 6.28 14.51
C HIS B 25 -9.64 7.79 14.59
N VAL B 26 -10.03 8.49 13.52
CA VAL B 26 -9.92 9.96 13.49
C VAL B 26 -10.97 10.66 14.33
N ASN B 27 -12.22 10.25 14.21
CA ASN B 27 -13.29 11.00 14.87
C ASN B 27 -13.11 11.31 16.37
N PRO B 28 -12.72 10.32 17.19
CA PRO B 28 -12.57 10.64 18.63
C PRO B 28 -11.53 11.72 18.90
N SER B 29 -10.45 11.71 18.11
CA SER B 29 -9.36 12.66 18.36
C SER B 29 -9.78 14.11 18.11
N LEU B 30 -10.75 14.34 17.23
CA LEU B 30 -11.08 15.70 16.82
C LEU B 30 -11.70 16.56 17.92
N GLY B 31 -12.38 15.95 18.89
CA GLY B 31 -12.87 16.77 20.01
C GLY B 31 -11.72 17.31 20.84
N ILE B 32 -10.67 16.48 20.97
CA ILE B 32 -9.48 16.87 21.73
C ILE B 32 -8.75 17.98 20.98
N VAL B 33 -8.59 17.81 19.67
CA VAL B 33 -8.04 18.87 18.83
C VAL B 33 -8.78 20.20 19.04
N GLN B 34 -10.11 20.18 18.93
CA GLN B 34 -10.93 21.39 19.11
C GLN B 34 -10.67 22.06 20.47
N GLU B 35 -10.61 21.25 21.53
CA GLU B 35 -10.36 21.78 22.87
C GLU B 35 -8.96 22.39 22.98
N LEU B 36 -7.96 21.68 22.49
CA LEU B 36 -6.58 22.19 22.54
C LEU B 36 -6.42 23.51 21.77
N VAL B 37 -7.08 23.59 20.62
CA VAL B 37 -7.00 24.81 19.78
C VAL B 37 -7.69 25.97 20.51
N ALA B 38 -8.83 25.66 21.13
CA ALA B 38 -9.58 26.62 21.95
C ALA B 38 -8.70 27.19 23.05
N ARG B 39 -7.85 26.33 23.64
CA ARG B 39 -6.93 26.72 24.71
C ARG B 39 -5.68 27.47 24.22
N GLY B 40 -5.53 27.58 22.91
CA GLY B 40 -4.45 28.37 22.32
C GLY B 40 -3.21 27.64 21.84
N HIS B 41 -3.23 26.31 21.87
CA HIS B 41 -2.09 25.52 21.39
C HIS B 41 -2.06 25.46 19.86
N ARG B 42 -0.86 25.28 19.30
CA ARG B 42 -0.73 25.02 17.87
C ARG B 42 -0.81 23.52 17.67
N VAL B 43 -1.79 23.07 16.91
CA VAL B 43 -1.95 21.62 16.73
C VAL B 43 -1.71 21.25 15.26
N SER B 44 -0.83 20.26 15.04
CA SER B 44 -0.57 19.70 13.72
C SER B 44 -1.08 18.27 13.76
N TYR B 45 -1.36 17.69 12.59
CA TYR B 45 -2.08 16.41 12.56
C TYR B 45 -1.65 15.61 11.37
N ALA B 46 -0.94 14.52 11.62
CA ALA B 46 -0.37 13.66 10.57
C ALA B 46 -1.47 12.71 10.13
N ILE B 47 -1.89 12.85 8.87
CA ILE B 47 -2.99 12.04 8.35
C ILE B 47 -2.88 12.08 6.81
N THR B 48 -3.77 11.36 6.14
CA THR B 48 -3.76 11.33 4.68
C THR B 48 -4.62 12.44 4.10
N ASP B 49 -4.46 12.67 2.79
CA ASP B 49 -5.20 13.70 2.09
C ASP B 49 -6.71 13.57 2.28
N GLU B 50 -7.19 12.33 2.29
CA GLU B 50 -8.61 12.01 2.50
C GLU B 50 -9.25 12.74 3.70
N PHE B 51 -8.49 12.92 4.78
CA PHE B 51 -9.03 13.47 6.03
C PHE B 51 -8.56 14.88 6.32
N ALA B 52 -7.76 15.43 5.41
CA ALA B 52 -7.14 16.75 5.63
C ALA B 52 -8.18 17.84 5.90
N ALA B 53 -9.25 17.88 5.12
CA ALA B 53 -10.29 18.92 5.29
C ALA B 53 -10.98 18.84 6.66
N GLN B 54 -11.24 17.62 7.12
CA GLN B 54 -11.88 17.41 8.41
C GLN B 54 -10.98 17.87 9.55
N VAL B 55 -9.70 17.50 9.48
CA VAL B 55 -8.72 17.86 10.50
C VAL B 55 -8.54 19.37 10.55
N LYS B 56 -8.50 20.00 9.37
CA LYS B 56 -8.41 21.45 9.30
C LYS B 56 -9.63 22.16 9.91
N ALA B 57 -10.84 21.65 9.62
CA ALA B 57 -12.07 22.15 10.22
C ALA B 57 -12.07 22.10 11.76
N ALA B 58 -11.36 21.12 12.33
CA ALA B 58 -11.21 20.99 13.77
C ALA B 58 -10.19 21.98 14.33
N GLY B 59 -9.44 22.64 13.44
CA GLY B 59 -8.49 23.69 13.83
C GLY B 59 -7.02 23.30 13.75
N ALA B 60 -6.72 22.08 13.30
CA ALA B 60 -5.34 21.59 13.15
C ALA B 60 -4.77 21.84 11.77
N THR B 61 -3.45 21.95 11.69
CA THR B 61 -2.77 22.04 10.39
C THR B 61 -2.38 20.62 9.98
N PRO B 62 -2.93 20.12 8.84
CA PRO B 62 -2.60 18.78 8.39
C PRO B 62 -1.13 18.62 8.01
N VAL B 63 -0.58 17.47 8.36
CA VAL B 63 0.73 17.05 7.90
C VAL B 63 0.45 15.81 7.06
N VAL B 64 0.41 15.97 5.74
CA VAL B 64 -0.09 14.89 4.91
C VAL B 64 1.03 13.89 4.58
N TYR B 65 0.73 12.61 4.80
CA TYR B 65 1.62 11.52 4.37
C TYR B 65 0.93 10.61 3.37
N ASP B 66 1.72 9.85 2.62
CA ASP B 66 1.20 8.89 1.66
C ASP B 66 1.08 7.52 2.33
N SER B 67 -0.07 6.89 2.12
CA SER B 67 -0.45 5.66 2.82
C SER B 67 -0.73 4.51 1.85
N ILE B 68 -0.46 3.27 2.30
CA ILE B 68 -0.87 2.07 1.55
C ILE B 68 -2.13 1.44 2.16
N LEU B 69 -2.69 2.07 3.16
CA LEU B 69 -3.89 1.52 3.80
C LEU B 69 -5.09 1.75 2.87
N PRO B 70 -6.11 0.88 2.95
CA PRO B 70 -7.29 0.99 2.06
C PRO B 70 -8.07 2.27 2.32
N LYS B 71 -8.38 3.01 1.26
CA LYS B 71 -9.08 4.29 1.40
C LYS B 71 -10.59 4.11 1.54
N GLU B 72 -11.17 4.81 2.52
CA GLU B 72 -12.62 4.80 2.70
C GLU B 72 -13.37 5.26 1.46
N SER B 73 -12.76 6.20 0.74
CA SER B 73 -13.30 6.77 -0.50
C SER B 73 -13.07 5.93 -1.78
N ASN B 74 -12.39 4.80 -1.67
CA ASN B 74 -12.16 3.93 -2.82
C ASN B 74 -12.89 2.59 -2.62
N PRO B 75 -14.02 2.40 -3.32
CA PRO B 75 -14.85 1.21 -3.18
C PRO B 75 -14.21 -0.06 -3.76
N GLU B 76 -13.04 0.06 -4.38
CA GLU B 76 -12.34 -1.08 -4.96
C GLU B 76 -11.39 -1.79 -3.97
N GLU B 77 -11.26 -1.25 -2.76
CA GLU B 77 -10.40 -1.89 -1.76
C GLU B 77 -10.99 -1.79 -0.36
N SER B 78 -10.59 -2.72 0.51
CA SER B 78 -11.12 -2.76 1.86
CA SER B 78 -11.10 -2.71 1.87
C SER B 78 -10.10 -3.31 2.87
N TRP B 79 -10.48 -3.26 4.14
CA TRP B 79 -9.64 -3.78 5.23
C TRP B 79 -9.81 -5.30 5.30
N PRO B 80 -8.81 -6.01 5.82
CA PRO B 80 -9.00 -7.42 6.19
C PRO B 80 -9.83 -7.48 7.46
N GLU B 81 -10.40 -8.63 7.75
CA GLU B 81 -11.17 -8.79 8.98
C GLU B 81 -10.28 -9.34 10.09
N ASP B 82 -9.18 -10.00 9.73
CA ASP B 82 -8.36 -10.69 10.72
C ASP B 82 -7.17 -9.88 11.27
N GLN B 83 -6.90 -10.08 12.56
CA GLN B 83 -5.84 -9.30 13.21
C GLN B 83 -4.45 -9.55 12.62
N GLU B 84 -4.15 -10.81 12.30
CA GLU B 84 -2.81 -11.13 11.76
C GLU B 84 -2.50 -10.33 10.49
N SER B 85 -3.44 -10.33 9.54
CA SER B 85 -3.27 -9.55 8.30
C SER B 85 -3.18 -8.05 8.59
N ALA B 86 -4.03 -7.59 9.49
CA ALA B 86 -4.09 -6.18 9.83
C ALA B 86 -2.77 -5.69 10.42
N MET B 87 -2.21 -6.46 11.35
CA MET B 87 -0.93 -6.11 11.99
C MET B 87 0.20 -6.03 10.95
N GLY B 88 0.20 -6.96 10.00
CA GLY B 88 1.17 -6.94 8.90
C GLY B 88 1.05 -5.62 8.12
N LEU B 89 -0.19 -5.24 7.83
CA LEU B 89 -0.46 -4.00 7.08
CA LEU B 89 -0.45 -4.02 7.07
C LEU B 89 0.04 -2.79 7.84
N PHE B 90 -0.24 -2.76 9.15
CA PHE B 90 0.20 -1.61 9.95
C PHE B 90 1.71 -1.52 10.08
N LEU B 91 2.39 -2.66 10.04
CA LEU B 91 3.85 -2.67 10.10
C LEU B 91 4.43 -2.13 8.80
N ASP B 92 3.95 -2.63 7.66
CA ASP B 92 4.42 -2.13 6.37
C ASP B 92 4.15 -0.64 6.22
N GLU B 93 2.98 -0.22 6.70
CA GLU B 93 2.64 1.20 6.72
C GLU B 93 3.61 2.00 7.60
N ALA B 94 3.91 1.49 8.79
CA ALA B 94 4.82 2.17 9.74
C ALA B 94 6.19 2.39 9.11
N VAL B 95 6.66 1.37 8.38
CA VAL B 95 7.96 1.44 7.72
C VAL B 95 8.00 2.57 6.70
N ARG B 96 6.89 2.72 5.98
CA ARG B 96 6.80 3.70 4.90
C ARG B 96 6.46 5.10 5.39
N VAL B 97 5.75 5.18 6.51
CA VAL B 97 5.27 6.46 7.04
C VAL B 97 6.28 7.13 7.96
N LEU B 98 6.98 6.33 8.75
CA LEU B 98 8.00 6.87 9.67
C LEU B 98 8.94 7.91 9.03
N PRO B 99 9.61 7.56 7.90
CA PRO B 99 10.54 8.55 7.34
C PRO B 99 9.83 9.76 6.79
N GLN B 100 8.57 9.61 6.35
CA GLN B 100 7.81 10.77 5.90
C GLN B 100 7.59 11.77 7.04
N LEU B 101 7.26 11.25 8.22
CA LEU B 101 6.98 12.10 9.37
C LEU B 101 8.25 12.64 9.97
N GLU B 102 9.30 11.81 9.95
CA GLU B 102 10.61 12.26 10.42
C GLU B 102 11.06 13.46 9.61
N ASP B 103 10.92 13.37 8.29
CA ASP B 103 11.24 14.49 7.38
C ASP B 103 10.38 15.72 7.64
N ALA B 104 9.08 15.51 7.78
CA ALA B 104 8.14 16.60 7.94
C ALA B 104 8.42 17.37 9.24
N TYR B 105 8.79 16.67 10.30
CA TYR B 105 8.89 17.29 11.61
C TYR B 105 10.32 17.62 12.06
N ALA B 106 11.31 17.27 11.26
CA ALA B 106 12.72 17.30 11.68
C ALA B 106 13.13 18.66 12.23
N ASP B 107 12.61 19.71 11.60
CA ASP B 107 12.99 21.07 12.01
C ASP B 107 11.82 21.89 12.60
N ASP B 108 10.72 21.22 12.92
CA ASP B 108 9.60 21.82 13.64
C ASP B 108 9.06 20.72 14.57
N ARG B 109 9.91 20.28 15.48
CA ARG B 109 9.59 19.11 16.31
C ARG B 109 8.53 19.48 17.33
N PRO B 110 7.51 18.63 17.45
CA PRO B 110 6.45 18.88 18.43
C PRO B 110 6.96 18.82 19.87
N ASP B 111 6.25 19.50 20.77
CA ASP B 111 6.52 19.41 22.20
C ASP B 111 5.91 18.14 22.81
N LEU B 112 4.93 17.57 22.11
CA LEU B 112 4.20 16.40 22.59
CA LEU B 112 4.16 16.43 22.60
C LEU B 112 3.54 15.72 21.39
N ILE B 113 3.58 14.40 21.38
CA ILE B 113 2.91 13.59 20.35
C ILE B 113 1.74 12.83 20.99
N VAL B 114 0.56 12.93 20.40
CA VAL B 114 -0.59 12.11 20.79
C VAL B 114 -0.80 11.16 19.63
N TYR B 115 -0.86 9.85 19.89
CA TYR B 115 -0.87 8.92 18.76
C TYR B 115 -1.91 7.83 18.90
N ASP B 116 -2.43 7.41 17.75
CA ASP B 116 -3.42 6.34 17.70
C ASP B 116 -2.81 4.97 17.97
N ILE B 117 -3.65 4.02 18.37
CA ILE B 117 -3.17 2.66 18.67
C ILE B 117 -2.40 2.02 17.50
N ALA B 118 -2.69 2.45 16.28
CA ALA B 118 -2.08 1.86 15.08
C ALA B 118 -0.94 2.71 14.52
N SER B 119 -0.66 3.84 15.18
CA SER B 119 0.35 4.78 14.67
C SER B 119 1.72 4.46 15.24
N TRP B 120 2.28 3.30 14.84
CA TRP B 120 3.54 2.81 15.41
C TRP B 120 4.77 3.72 15.21
N PRO B 121 4.81 4.58 14.17
CA PRO B 121 5.94 5.52 14.10
C PRO B 121 6.07 6.45 15.32
N ALA B 122 4.95 6.71 16.00
CA ALA B 122 4.97 7.72 17.07
C ALA B 122 5.94 7.46 18.21
N PRO B 123 5.91 6.25 18.84
CA PRO B 123 6.88 5.96 19.90
C PRO B 123 8.32 5.94 19.40
N VAL B 124 8.53 5.55 18.14
CA VAL B 124 9.87 5.58 17.55
C VAL B 124 10.42 7.01 17.54
N LEU B 125 9.65 7.96 17.01
CA LEU B 125 10.08 9.35 16.94
C LEU B 125 10.13 10.01 18.30
N GLY B 126 9.16 9.70 19.16
CA GLY B 126 9.15 10.20 20.54
C GLY B 126 10.47 9.86 21.23
N ARG B 127 10.89 8.61 21.10
CA ARG B 127 12.10 8.15 21.78
C ARG B 127 13.35 8.78 21.14
N LYS B 128 13.41 8.76 19.81
CA LYS B 128 14.50 9.38 19.03
C LYS B 128 14.75 10.84 19.41
N TRP B 129 13.67 11.62 19.48
CA TRP B 129 13.72 13.06 19.72
C TRP B 129 13.48 13.49 21.17
N ASP B 130 13.33 12.52 22.06
CA ASP B 130 13.12 12.76 23.50
C ASP B 130 11.95 13.71 23.70
N ILE B 131 10.82 13.32 23.14
CA ILE B 131 9.61 14.09 23.39
C ILE B 131 8.51 13.16 23.91
N PRO B 132 7.69 13.64 24.85
CA PRO B 132 6.69 12.76 25.44
C PRO B 132 5.68 12.31 24.40
N PHE B 133 5.21 11.07 24.53
CA PHE B 133 4.21 10.57 23.59
C PHE B 133 3.12 9.83 24.36
N VAL B 134 1.87 10.14 24.04
CA VAL B 134 0.71 9.62 24.79
C VAL B 134 -0.22 8.93 23.80
N GLN B 135 -0.61 7.69 24.08
CA GLN B 135 -1.52 6.99 23.18
C GLN B 135 -2.94 7.45 23.38
N LEU B 136 -3.72 7.57 22.30
CA LEU B 136 -5.16 7.84 22.40
C LEU B 136 -5.86 6.60 21.87
N SER B 137 -6.65 5.94 22.71
CA SER B 137 -7.30 4.70 22.29
C SER B 137 -8.76 4.93 22.01
N PRO B 138 -9.18 4.69 20.75
CA PRO B 138 -10.59 4.79 20.38
C PRO B 138 -11.36 3.49 20.70
N THR B 139 -10.66 2.49 21.24
CA THR B 139 -11.34 1.26 21.67
C THR B 139 -10.86 0.74 23.03
N PHE B 140 -11.35 -0.43 23.44
CA PHE B 140 -10.89 -1.00 24.72
C PHE B 140 -9.40 -1.32 24.69
N VAL B 141 -8.81 -1.28 25.89
CA VAL B 141 -7.38 -1.52 26.06
C VAL B 141 -7.13 -2.90 26.67
N ALA B 142 -5.86 -3.29 26.73
CA ALA B 142 -5.48 -4.57 27.32
C ALA B 142 -5.88 -4.59 28.81
N TYR B 143 -6.35 -5.75 29.24
CA TYR B 143 -6.83 -5.94 30.59
C TYR B 143 -6.23 -7.27 31.04
N GLU B 144 -6.41 -7.62 32.31
CA GLU B 144 -5.88 -8.91 32.78
C GLU B 144 -6.60 -10.07 32.07
N GLY B 145 -5.83 -10.88 31.35
CA GLY B 145 -6.35 -12.02 30.62
C GLY B 145 -6.44 -11.74 29.13
N PHE B 146 -6.11 -10.51 28.73
CA PHE B 146 -6.22 -10.09 27.34
C PHE B 146 -5.44 -11.01 26.38
N GLU B 147 -4.20 -11.30 26.74
CA GLU B 147 -3.33 -12.12 25.90
C GLU B 147 -3.89 -13.50 25.64
N GLU B 148 -4.60 -14.06 26.62
CA GLU B 148 -5.22 -15.38 26.45
C GLU B 148 -6.49 -15.30 25.61
N ASP B 149 -7.24 -14.21 25.75
CA ASP B 149 -8.46 -13.97 24.97
C ASP B 149 -8.14 -13.65 23.50
N VAL B 150 -7.01 -12.98 23.27
CA VAL B 150 -6.60 -12.51 21.94
C VAL B 150 -5.15 -12.95 21.70
N PRO B 151 -4.93 -14.27 21.46
CA PRO B 151 -3.58 -14.87 21.43
C PRO B 151 -2.70 -14.40 20.26
N ALA B 152 -3.31 -13.74 19.27
CA ALA B 152 -2.59 -13.12 18.15
C ALA B 152 -1.51 -12.15 18.60
N VAL B 153 -1.65 -11.62 19.82
CA VAL B 153 -0.68 -10.63 20.32
C VAL B 153 0.53 -11.28 20.99
N GLN B 154 0.43 -12.59 21.27
CA GLN B 154 1.53 -13.33 21.89
C GLN B 154 2.60 -13.62 20.85
N ASP B 155 3.83 -13.23 21.18
CA ASP B 155 4.98 -13.40 20.32
C ASP B 155 5.40 -14.88 20.27
N PRO B 156 5.24 -15.53 19.10
CA PRO B 156 5.58 -16.95 19.04
C PRO B 156 7.10 -17.21 18.93
N THR B 157 7.88 -16.14 18.76
CA THR B 157 9.34 -16.21 18.70
C THR B 157 9.99 -15.94 20.06
N ALA B 158 9.19 -15.55 21.05
CA ALA B 158 9.72 -15.18 22.37
C ALA B 158 9.85 -16.37 23.33
N ASP B 181 2.93 -19.33 11.16
CA ASP B 181 4.01 -19.05 10.21
C ASP B 181 3.98 -17.58 9.78
N GLY B 182 2.79 -17.13 9.34
CA GLY B 182 2.55 -15.72 9.07
C GLY B 182 2.75 -14.87 10.32
N LEU B 183 2.36 -15.41 11.47
CA LEU B 183 2.51 -14.71 12.74
C LEU B 183 3.98 -14.68 13.17
N VAL B 184 4.69 -15.76 12.88
CA VAL B 184 6.13 -15.81 13.13
C VAL B 184 6.84 -14.79 12.24
N ARG B 185 6.43 -14.73 10.97
CA ARG B 185 7.01 -13.77 10.03
C ARG B 185 6.73 -12.35 10.50
N PHE B 186 5.51 -12.10 10.93
CA PHE B 186 5.14 -10.77 11.43
C PHE B 186 6.02 -10.34 12.61
N PHE B 187 6.13 -11.20 13.62
CA PHE B 187 6.87 -10.85 14.86
C PHE B 187 8.37 -10.70 14.61
N THR B 188 8.89 -11.47 13.66
CA THR B 188 10.29 -11.32 13.25
C THR B 188 10.51 -9.96 12.58
N ARG B 189 9.63 -9.62 11.62
CA ARG B 189 9.69 -8.34 10.92
C ARG B 189 9.52 -7.16 11.92
N LEU B 190 8.60 -7.30 12.88
CA LEU B 190 8.35 -6.23 13.86
C LEU B 190 9.54 -5.99 14.78
N SER B 191 10.07 -7.08 15.33
CA SER B 191 11.26 -7.02 16.17
C SER B 191 12.42 -6.37 15.42
N ALA B 192 12.57 -6.70 14.13
CA ALA B 192 13.62 -6.12 13.31
C ALA B 192 13.42 -4.61 13.17
N PHE B 193 12.18 -4.20 12.90
CA PHE B 193 11.82 -2.80 12.74
C PHE B 193 12.16 -2.02 14.01
N LEU B 194 11.73 -2.54 15.16
CA LEU B 194 11.93 -1.85 16.43
C LEU B 194 13.42 -1.68 16.78
N GLU B 195 14.16 -2.79 16.70
CA GLU B 195 15.59 -2.79 17.00
C GLU B 195 16.38 -1.85 16.08
N GLU B 196 16.05 -1.87 14.79
CA GLU B 196 16.68 -0.98 13.80
C GLU B 196 16.55 0.49 14.20
N HIS B 197 15.41 0.84 14.80
CA HIS B 197 15.12 2.23 15.09
C HIS B 197 15.29 2.60 16.57
N GLY B 198 16.05 1.80 17.29
CA GLY B 198 16.41 2.13 18.67
C GLY B 198 15.36 1.87 19.74
N VAL B 199 14.34 1.09 19.41
CA VAL B 199 13.35 0.68 20.40
C VAL B 199 13.69 -0.75 20.88
N ASP B 200 13.94 -0.88 22.18
CA ASP B 200 14.34 -2.15 22.79
C ASP B 200 13.16 -2.89 23.45
N THR B 201 12.01 -2.23 23.45
CA THR B 201 10.80 -2.78 24.02
C THR B 201 10.46 -4.11 23.33
N PRO B 202 10.19 -5.18 24.11
CA PRO B 202 9.75 -6.45 23.54
C PRO B 202 8.50 -6.25 22.68
N ALA B 203 8.42 -6.99 21.57
CA ALA B 203 7.36 -6.83 20.59
C ALA B 203 5.93 -6.80 21.17
N THR B 204 5.59 -7.79 22.00
CA THR B 204 4.22 -7.86 22.55
C THR B 204 3.90 -6.64 23.42
N GLU B 205 4.85 -6.26 24.26
CA GLU B 205 4.70 -5.08 25.11
C GLU B 205 4.56 -3.83 24.25
N PHE B 206 5.33 -3.75 23.18
CA PHE B 206 5.20 -2.58 22.30
C PHE B 206 3.76 -2.48 21.75
N LEU B 207 3.21 -3.63 21.36
CA LEU B 207 1.88 -3.67 20.78
C LEU B 207 0.75 -3.35 21.78
N ILE B 208 0.87 -3.83 23.01
CA ILE B 208 -0.30 -3.79 23.90
C ILE B 208 -0.16 -3.04 25.23
N ALA B 209 1.03 -2.52 25.53
CA ALA B 209 1.32 -1.92 26.83
C ALA B 209 1.89 -0.48 26.69
N PRO B 210 1.07 0.49 26.28
CA PRO B 210 1.58 1.85 26.12
C PRO B 210 2.04 2.44 27.46
N ASN B 211 3.07 3.28 27.44
CA ASN B 211 3.51 3.97 28.66
C ASN B 211 2.37 4.79 29.28
N ARG B 212 1.65 5.52 28.44
CA ARG B 212 0.57 6.38 28.91
C ARG B 212 -0.54 6.36 27.85
N CYS B 213 -1.79 6.25 28.31
CA CYS B 213 -2.92 6.16 27.40
C CYS B 213 -4.18 6.89 27.90
N ILE B 214 -4.83 7.61 26.99
CA ILE B 214 -6.11 8.23 27.27
C ILE B 214 -7.13 7.41 26.49
N VAL B 215 -8.17 6.92 27.18
CA VAL B 215 -9.11 5.96 26.57
C VAL B 215 -10.47 6.61 26.35
N ALA B 216 -10.96 6.54 25.12
CA ALA B 216 -12.20 7.22 24.72
C ALA B 216 -13.50 6.46 25.07
N LEU B 217 -13.52 5.88 26.27
CA LEU B 217 -14.72 5.22 26.79
C LEU B 217 -14.62 5.25 28.32
N PRO B 218 -15.76 5.09 29.03
CA PRO B 218 -15.68 5.03 30.50
C PRO B 218 -15.13 3.71 30.96
N ARG B 219 -14.48 3.69 32.12
CA ARG B 219 -13.94 2.47 32.67
C ARG B 219 -15.02 1.40 32.83
N THR B 220 -16.24 1.82 33.15
CA THR B 220 -17.37 0.89 33.32
C THR B 220 -17.70 0.05 32.09
N PHE B 221 -17.52 0.64 30.90
CA PHE B 221 -17.69 -0.12 29.65
C PHE B 221 -16.52 -1.08 29.36
N GLN B 222 -15.30 -0.66 29.70
CA GLN B 222 -14.09 -1.42 29.43
C GLN B 222 -14.16 -2.84 30.00
N ILE B 223 -13.77 -3.83 29.21
CA ILE B 223 -13.68 -5.23 29.67
C ILE B 223 -12.73 -5.30 30.85
N LYS B 224 -13.19 -5.87 31.97
CA LYS B 224 -12.35 -6.01 33.18
C LYS B 224 -11.61 -4.72 33.52
N GLY B 225 -12.35 -3.62 33.47
CA GLY B 225 -11.88 -2.26 33.71
C GLY B 225 -11.14 -2.07 35.03
N ASP B 226 -11.55 -2.82 36.06
CA ASP B 226 -10.95 -2.77 37.40
CA ASP B 226 -10.92 -2.71 37.38
C ASP B 226 -9.51 -3.29 37.41
N THR B 227 -9.14 -4.07 36.40
CA THR B 227 -7.78 -4.64 36.29
C THR B 227 -6.81 -3.72 35.53
N VAL B 228 -7.31 -2.61 34.98
CA VAL B 228 -6.49 -1.75 34.16
C VAL B 228 -5.77 -0.73 35.03
N GLY B 229 -4.44 -0.66 34.86
CA GLY B 229 -3.57 0.20 35.68
C GLY B 229 -3.66 1.70 35.49
N ASP B 230 -2.96 2.44 36.36
CA ASP B 230 -3.14 3.88 36.49
C ASP B 230 -2.54 4.72 35.37
N ASN B 231 -1.74 4.09 34.52
CA ASN B 231 -1.20 4.77 33.32
C ASN B 231 -2.24 4.92 32.17
N TYR B 232 -3.42 4.35 32.37
CA TYR B 232 -4.55 4.60 31.49
C TYR B 232 -5.52 5.50 32.23
N THR B 233 -6.06 6.47 31.52
CA THR B 233 -7.13 7.31 32.05
C THR B 233 -8.35 7.22 31.14
N PHE B 234 -9.48 6.78 31.70
CA PHE B 234 -10.72 6.64 30.95
C PHE B 234 -11.54 7.92 31.00
N VAL B 235 -11.66 8.60 29.85
CA VAL B 235 -12.36 9.88 29.79
C VAL B 235 -13.73 9.84 29.08
N GLY B 236 -14.14 8.66 28.62
CA GLY B 236 -15.36 8.57 27.82
C GLY B 236 -15.15 9.10 26.41
N PRO B 237 -16.22 9.15 25.60
CA PRO B 237 -16.04 9.61 24.21
C PRO B 237 -15.54 11.04 24.15
N THR B 238 -14.68 11.31 23.18
CA THR B 238 -14.05 12.64 23.11
C THR B 238 -14.38 13.35 21.82
N TYR B 239 -15.40 12.86 21.10
CA TYR B 239 -15.81 13.53 19.86
C TYR B 239 -16.30 14.95 20.10
N GLY B 240 -16.11 15.81 19.10
CA GLY B 240 -16.50 17.21 19.23
C GLY B 240 -17.62 17.59 18.29
N ASP B 241 -17.65 18.87 17.91
CA ASP B 241 -18.65 19.38 16.97
C ASP B 241 -18.36 18.82 15.59
N ARG B 242 -19.39 18.40 14.88
CA ARG B 242 -19.18 17.72 13.61
C ARG B 242 -19.83 18.38 12.38
N SER B 243 -19.04 19.13 11.62
CA SER B 243 -19.40 19.69 10.30
C SER B 243 -18.33 20.65 9.77
N TRP B 248 -29.44 16.97 9.55
CA TRP B 248 -30.49 16.04 9.13
C TRP B 248 -31.86 16.43 9.68
N GLU B 249 -32.89 16.36 8.83
CA GLU B 249 -34.28 16.60 9.24
C GLU B 249 -35.21 15.48 8.73
N GLY B 254 -43.25 12.96 12.92
CA GLY B 254 -43.57 12.61 14.31
C GLY B 254 -43.34 11.15 14.67
N ARG B 255 -42.85 10.36 13.72
CA ARG B 255 -42.62 8.93 13.93
C ARG B 255 -41.30 8.70 14.65
N PRO B 256 -41.18 7.63 15.46
CA PRO B 256 -39.84 7.37 16.03
C PRO B 256 -38.82 7.08 14.91
N VAL B 257 -37.56 7.42 15.15
CA VAL B 257 -36.53 7.30 14.12
C VAL B 257 -35.58 6.13 14.42
N LEU B 258 -35.39 5.26 13.42
CA LEU B 258 -34.43 4.15 13.51
C LEU B 258 -33.27 4.47 12.61
N LEU B 259 -32.06 4.45 13.17
CA LEU B 259 -30.87 4.53 12.33
C LEU B 259 -30.31 3.14 12.10
N ILE B 260 -29.91 2.85 10.86
CA ILE B 260 -29.20 1.60 10.54
C ILE B 260 -27.87 1.98 9.87
N ALA B 261 -26.75 1.64 10.50
CA ALA B 261 -25.43 1.99 9.92
C ALA B 261 -24.39 1.09 10.55
N LEU B 262 -23.55 0.52 9.69
CA LEU B 262 -22.51 -0.42 10.09
C LEU B 262 -21.09 0.19 10.12
N GLY B 263 -21.00 1.48 10.43
CA GLY B 263 -19.68 2.12 10.55
C GLY B 263 -19.09 2.64 9.26
N SER B 264 -17.76 2.81 9.24
CA SER B 264 -17.10 3.40 8.09
C SER B 264 -16.22 2.41 7.34
N ALA B 265 -16.20 1.15 7.79
CA ALA B 265 -15.28 0.17 7.18
C ALA B 265 -15.96 -1.08 6.63
N PHE B 266 -16.66 -1.80 7.50
CA PHE B 266 -17.10 -3.14 7.15
C PHE B 266 -18.56 -3.11 6.75
N THR B 267 -18.83 -2.39 5.66
CA THR B 267 -20.20 -2.03 5.33
C THR B 267 -20.76 -2.75 4.09
N ASP B 268 -19.93 -3.53 3.39
CA ASP B 268 -20.35 -4.12 2.10
C ASP B 268 -21.27 -5.34 2.30
N HIS B 269 -22.54 -5.07 2.59
CA HIS B 269 -23.48 -6.11 3.04
C HIS B 269 -24.86 -5.93 2.45
N LEU B 270 -24.92 -5.96 1.12
CA LEU B 270 -26.17 -5.76 0.41
C LEU B 270 -27.30 -6.67 0.88
N ASP B 271 -27.01 -7.95 1.08
CA ASP B 271 -28.04 -8.91 1.55
C ASP B 271 -28.61 -8.51 2.93
N PHE B 272 -27.71 -8.08 3.82
CA PHE B 272 -28.15 -7.58 5.11
C PHE B 272 -29.06 -6.35 4.96
N TYR B 273 -28.68 -5.40 4.11
CA TYR B 273 -29.52 -4.20 3.96
C TYR B 273 -30.89 -4.54 3.38
N ARG B 274 -30.93 -5.51 2.47
CA ARG B 274 -32.21 -5.99 1.93
C ARG B 274 -33.10 -6.63 3.01
N THR B 275 -32.48 -7.35 3.95
CA THR B 275 -33.18 -7.93 5.09
C THR B 275 -33.71 -6.81 6.01
N CYS B 276 -32.89 -5.78 6.22
CA CYS B 276 -33.35 -4.60 6.97
C CYS B 276 -34.62 -3.97 6.39
N LEU B 277 -34.66 -3.84 5.06
CA LEU B 277 -35.85 -3.30 4.40
C LEU B 277 -37.07 -4.15 4.68
N SER B 278 -36.92 -5.47 4.68
CA SER B 278 -38.03 -6.36 5.04
C SER B 278 -38.41 -6.21 6.51
N ALA B 279 -37.41 -6.02 7.37
CA ALA B 279 -37.66 -5.87 8.80
C ALA B 279 -38.53 -4.65 9.08
N VAL B 280 -38.37 -3.58 8.30
CA VAL B 280 -39.05 -2.31 8.63
C VAL B 280 -40.30 -2.07 7.82
N ASP B 281 -40.59 -3.03 6.94
CA ASP B 281 -41.75 -2.97 6.04
C ASP B 281 -43.03 -2.92 6.88
N GLY B 282 -43.76 -1.82 6.79
CA GLY B 282 -45.02 -1.69 7.54
C GLY B 282 -44.85 -1.26 9.00
N LEU B 283 -43.62 -0.93 9.38
CA LEU B 283 -43.33 -0.39 10.72
C LEU B 283 -43.67 1.09 10.72
N ASP B 284 -44.34 1.56 11.77
CA ASP B 284 -44.70 2.97 11.93
C ASP B 284 -43.49 3.83 12.40
N TRP B 285 -42.36 3.64 11.73
CA TRP B 285 -41.11 4.29 12.10
C TRP B 285 -40.51 4.93 10.86
N HIS B 286 -39.79 6.02 11.05
CA HIS B 286 -38.96 6.56 9.99
C HIS B 286 -37.58 5.96 10.10
N VAL B 287 -37.09 5.44 8.98
CA VAL B 287 -35.83 4.70 8.97
C VAL B 287 -34.78 5.40 8.12
N VAL B 288 -33.61 5.66 8.70
CA VAL B 288 -32.48 6.18 7.93
C VAL B 288 -31.49 5.04 7.74
N LEU B 289 -31.32 4.62 6.50
CA LEU B 289 -30.43 3.51 6.20
C LEU B 289 -29.14 3.99 5.50
N SER B 290 -28.00 3.82 6.18
CA SER B 290 -26.72 4.14 5.55
C SER B 290 -26.10 2.84 5.05
N VAL B 291 -25.83 2.75 3.75
CA VAL B 291 -25.35 1.48 3.15
C VAL B 291 -23.84 1.41 2.91
N GLY B 292 -23.13 2.50 3.22
CA GLY B 292 -21.68 2.54 3.03
C GLY B 292 -21.27 2.83 1.59
N ARG B 293 -19.97 2.81 1.35
CA ARG B 293 -19.41 3.26 0.08
C ARG B 293 -19.34 2.18 -1.01
N PHE B 294 -19.54 0.92 -0.62
CA PHE B 294 -19.41 -0.23 -1.56
C PHE B 294 -20.73 -0.58 -2.22
N VAL B 295 -21.82 -0.09 -1.63
CA VAL B 295 -23.17 -0.45 -2.09
C VAL B 295 -23.84 0.71 -2.79
N ASP B 296 -24.37 0.44 -3.98
CA ASP B 296 -25.18 1.41 -4.72
C ASP B 296 -26.60 1.37 -4.15
N PRO B 297 -27.10 2.51 -3.61
CA PRO B 297 -28.47 2.56 -3.09
C PRO B 297 -29.53 2.04 -4.08
N ALA B 298 -29.31 2.26 -5.39
CA ALA B 298 -30.25 1.78 -6.43
C ALA B 298 -30.45 0.26 -6.42
N ASP B 299 -29.42 -0.49 -6.00
CA ASP B 299 -29.48 -1.95 -5.91
C ASP B 299 -30.41 -2.47 -4.79
N LEU B 300 -31.01 -1.56 -4.02
CA LEU B 300 -32.02 -1.94 -3.04
C LEU B 300 -33.45 -1.90 -3.64
N GLY B 301 -33.55 -1.39 -4.87
CA GLY B 301 -34.84 -1.24 -5.53
C GLY B 301 -35.65 -0.12 -4.92
N GLU B 302 -36.97 -0.21 -5.08
CA GLU B 302 -37.90 0.75 -4.52
C GLU B 302 -38.09 0.45 -3.04
N VAL B 303 -37.45 1.27 -2.22
CA VAL B 303 -37.43 1.06 -0.78
C VAL B 303 -38.77 1.48 -0.21
N PRO B 304 -39.19 0.84 0.92
CA PRO B 304 -40.45 1.29 1.55
C PRO B 304 -40.43 2.82 1.75
N PRO B 305 -41.61 3.47 1.73
CA PRO B 305 -41.74 4.93 1.86
C PRO B 305 -41.26 5.51 3.19
N ASN B 306 -41.16 4.65 4.21
CA ASN B 306 -40.68 5.11 5.50
C ASN B 306 -39.16 5.14 5.62
N VAL B 307 -38.46 4.83 4.51
CA VAL B 307 -36.99 4.64 4.49
C VAL B 307 -36.28 5.64 3.59
N GLU B 308 -35.26 6.31 4.12
CA GLU B 308 -34.33 7.05 3.28
C GLU B 308 -33.01 6.33 3.26
N VAL B 309 -32.43 6.21 2.07
CA VAL B 309 -31.19 5.45 1.85
C VAL B 309 -30.06 6.36 1.37
N HIS B 310 -28.90 6.24 2.01
CA HIS B 310 -27.73 7.03 1.66
C HIS B 310 -26.50 6.16 1.81
N GLN B 311 -25.42 6.54 1.13
CA GLN B 311 -24.14 5.87 1.34
C GLN B 311 -23.47 6.34 2.63
N TRP B 312 -23.74 7.58 3.04
CA TRP B 312 -23.12 8.19 4.22
C TRP B 312 -24.11 9.17 4.83
N VAL B 313 -24.23 9.18 6.16
CA VAL B 313 -25.19 10.07 6.85
C VAL B 313 -24.54 10.87 7.99
N PRO B 314 -25.19 11.97 8.43
CA PRO B 314 -24.74 12.71 9.64
C PRO B 314 -25.17 11.95 10.91
N GLN B 315 -24.41 10.92 11.21
CA GLN B 315 -24.79 9.95 12.23
C GLN B 315 -24.98 10.60 13.59
N LEU B 316 -24.07 11.49 13.96
CA LEU B 316 -24.18 12.13 15.26
C LEU B 316 -25.50 12.92 15.39
N ASP B 317 -25.81 13.73 14.38
CA ASP B 317 -27.06 14.49 14.38
C ASP B 317 -28.30 13.60 14.44
N ILE B 318 -28.29 12.53 13.65
CA ILE B 318 -29.37 11.56 13.67
C ILE B 318 -29.56 10.90 15.05
N LEU B 319 -28.45 10.56 15.71
CA LEU B 319 -28.55 9.88 17.01
C LEU B 319 -29.10 10.78 18.10
N THR B 320 -29.00 12.11 17.92
CA THR B 320 -29.65 13.05 18.87
C THR B 320 -31.17 12.99 18.77
N LYS B 321 -31.67 12.42 17.67
CA LYS B 321 -33.11 12.35 17.44
C LYS B 321 -33.65 10.92 17.37
N ALA B 322 -32.75 9.92 17.34
CA ALA B 322 -33.15 8.52 17.15
C ALA B 322 -33.77 7.83 18.39
N SER B 323 -34.67 6.87 18.14
CA SER B 323 -35.25 6.04 19.20
C SER B 323 -34.67 4.62 19.26
N ALA B 324 -33.94 4.24 18.21
CA ALA B 324 -33.21 2.96 18.17
C ALA B 324 -32.12 3.01 17.10
N PHE B 325 -31.18 2.07 17.20
CA PHE B 325 -30.00 2.08 16.32
C PHE B 325 -29.58 0.64 16.05
N ILE B 326 -29.64 0.24 14.77
CA ILE B 326 -29.06 -1.03 14.35
C ILE B 326 -27.63 -0.69 13.93
N THR B 327 -26.68 -1.26 14.67
CA THR B 327 -25.28 -0.89 14.63
C THR B 327 -24.37 -2.11 14.50
N HIS B 328 -23.15 -1.94 13.98
CA HIS B 328 -22.17 -3.00 14.06
C HIS B 328 -21.47 -3.02 15.45
N ALA B 329 -21.80 -2.04 16.30
CA ALA B 329 -21.17 -1.89 17.64
C ALA B 329 -19.66 -1.56 17.57
N GLY B 330 -19.23 -0.86 16.53
CA GLY B 330 -17.88 -0.23 16.59
C GLY B 330 -17.91 0.68 17.82
N MET B 331 -16.75 0.93 18.43
CA MET B 331 -16.76 1.67 19.69
C MET B 331 -17.28 3.11 19.55
N GLY B 332 -16.93 3.77 18.44
CA GLY B 332 -17.36 5.16 18.19
C GLY B 332 -18.87 5.27 18.10
N SER B 333 -19.46 4.39 17.30
CA SER B 333 -20.90 4.37 17.14
C SER B 333 -21.59 4.02 18.48
N THR B 334 -20.99 3.09 19.21
CA THR B 334 -21.52 2.70 20.53
C THR B 334 -21.54 3.91 21.47
N MET B 335 -20.41 4.61 21.54
CA MET B 335 -20.29 5.75 22.45
C MET B 335 -21.17 6.92 22.02
N GLU B 336 -21.31 7.15 20.72
CA GLU B 336 -22.23 8.19 20.22
C GLU B 336 -23.67 7.84 20.60
N ALA B 337 -24.03 6.58 20.47
CA ALA B 337 -25.39 6.16 20.82
C ALA B 337 -25.64 6.30 22.32
N LEU B 338 -24.68 5.84 23.13
CA LEU B 338 -24.83 5.91 24.59
C LEU B 338 -24.83 7.34 25.11
N SER B 339 -24.09 8.23 24.43
CA SER B 339 -24.06 9.66 24.80
C SER B 339 -25.45 10.28 24.63
N ASN B 340 -26.26 9.64 23.79
CA ASN B 340 -27.60 10.10 23.48
C ASN B 340 -28.71 9.18 23.98
N ALA B 341 -28.33 8.21 24.82
CA ALA B 341 -29.30 7.25 25.39
C ALA B 341 -30.14 6.52 24.34
N VAL B 342 -29.49 6.07 23.26
CA VAL B 342 -30.20 5.37 22.18
C VAL B 342 -29.98 3.87 22.33
N PRO B 343 -31.07 3.09 22.44
CA PRO B 343 -30.96 1.63 22.54
C PRO B 343 -30.44 1.02 21.25
N MET B 344 -29.64 -0.04 21.39
CA MET B 344 -28.97 -0.62 20.26
C MET B 344 -29.37 -2.07 20.00
N VAL B 345 -29.38 -2.40 18.70
CA VAL B 345 -29.38 -3.78 18.24
C VAL B 345 -28.09 -3.93 17.46
N ALA B 346 -27.16 -4.72 18.01
CA ALA B 346 -25.77 -4.85 17.52
C ALA B 346 -25.65 -6.07 16.64
N VAL B 347 -25.11 -5.87 15.44
CA VAL B 347 -24.83 -6.95 14.50
C VAL B 347 -23.36 -6.82 14.11
N PRO B 348 -22.46 -7.36 14.97
CA PRO B 348 -21.01 -7.15 14.80
C PRO B 348 -20.43 -7.79 13.55
N GLN B 349 -19.35 -7.19 13.01
CA GLN B 349 -18.68 -7.75 11.83
C GLN B 349 -17.35 -8.45 12.16
N ILE B 350 -16.59 -7.90 13.10
CA ILE B 350 -15.30 -8.48 13.51
C ILE B 350 -15.29 -8.71 15.02
N ALA B 351 -14.32 -9.49 15.51
CA ALA B 351 -14.29 -9.89 16.92
C ALA B 351 -14.33 -8.70 17.91
N GLU B 352 -13.65 -7.60 17.57
CA GLU B 352 -13.68 -6.43 18.45
C GLU B 352 -15.15 -5.99 18.69
N GLN B 353 -15.91 -5.95 17.60
CA GLN B 353 -17.30 -5.50 17.66
C GLN B 353 -18.14 -6.51 18.44
N THR B 354 -17.81 -7.78 18.27
CA THR B 354 -18.48 -8.82 19.05
C THR B 354 -18.25 -8.62 20.55
N MET B 355 -17.03 -8.29 20.94
CA MET B 355 -16.76 -8.00 22.35
C MET B 355 -17.52 -6.75 22.83
N ASN B 356 -17.65 -5.75 21.95
CA ASN B 356 -18.42 -4.55 22.29
C ASN B 356 -19.90 -4.88 22.45
N ALA B 357 -20.40 -5.70 21.54
CA ALA B 357 -21.80 -6.14 21.61
C ALA B 357 -22.07 -6.89 22.94
N GLU B 358 -21.12 -7.75 23.31
CA GLU B 358 -21.22 -8.49 24.59
C GLU B 358 -21.31 -7.55 25.78
N ARG B 359 -20.51 -6.47 25.77
CA ARG B 359 -20.60 -5.48 26.86
C ARG B 359 -21.94 -4.77 26.89
N ILE B 360 -22.48 -4.49 25.69
CA ILE B 360 -23.80 -3.87 25.57
C ILE B 360 -24.85 -4.75 26.25
N VAL B 361 -24.77 -6.05 26.00
CA VAL B 361 -25.72 -7.01 26.59
C VAL B 361 -25.51 -7.15 28.11
N GLU B 362 -24.24 -7.24 28.52
CA GLU B 362 -23.89 -7.36 29.94
C GLU B 362 -24.31 -6.14 30.77
N LEU B 363 -24.34 -4.98 30.15
CA LEU B 363 -24.77 -3.77 30.84
C LEU B 363 -26.26 -3.48 30.66
N GLY B 364 -26.98 -4.36 29.96
CA GLY B 364 -28.42 -4.21 29.77
C GLY B 364 -28.81 -2.98 28.96
N LEU B 365 -28.05 -2.71 27.89
CA LEU B 365 -28.25 -1.51 27.05
C LEU B 365 -28.74 -1.77 25.62
N GLY B 366 -28.89 -3.04 25.27
CA GLY B 366 -29.38 -3.36 23.95
C GLY B 366 -29.39 -4.86 23.73
N ARG B 367 -29.51 -5.23 22.47
CA ARG B 367 -29.51 -6.62 22.06
C ARG B 367 -28.39 -6.91 21.08
N HIS B 368 -27.98 -8.18 21.03
CA HIS B 368 -26.92 -8.63 20.17
C HIS B 368 -27.46 -9.75 19.30
N ILE B 369 -27.39 -9.56 17.98
CA ILE B 369 -27.74 -10.62 17.04
C ILE B 369 -26.54 -10.88 16.13
N PRO B 370 -25.88 -12.02 16.28
CA PRO B 370 -24.73 -12.33 15.42
C PRO B 370 -25.10 -12.32 13.94
N ARG B 371 -24.17 -11.89 13.09
CA ARG B 371 -24.52 -11.64 11.69
C ARG B 371 -25.08 -12.87 10.96
N ASP B 372 -24.60 -14.06 11.35
CA ASP B 372 -25.07 -15.30 10.72
C ASP B 372 -26.43 -15.79 11.25
N GLN B 373 -27.00 -15.07 12.22
CA GLN B 373 -28.30 -15.39 12.81
C GLN B 373 -29.39 -14.37 12.46
N VAL B 374 -29.03 -13.34 11.69
CA VAL B 374 -29.96 -12.27 11.34
C VAL B 374 -31.14 -12.77 10.51
N THR B 375 -32.34 -12.35 10.89
CA THR B 375 -33.53 -12.50 10.02
C THR B 375 -34.32 -11.20 10.12
N ALA B 376 -35.20 -10.96 9.14
CA ALA B 376 -36.06 -9.77 9.16
C ALA B 376 -36.88 -9.70 10.44
N GLU B 377 -37.45 -10.84 10.85
CA GLU B 377 -38.30 -10.90 12.03
C GLU B 377 -37.53 -10.61 13.31
N LYS B 378 -36.34 -11.17 13.41
CA LYS B 378 -35.49 -10.95 14.57
CA LYS B 378 -35.47 -10.94 14.57
C LYS B 378 -35.09 -9.50 14.69
N LEU B 379 -34.74 -8.88 13.57
CA LEU B 379 -34.40 -7.44 13.62
C LEU B 379 -35.59 -6.60 14.07
N ARG B 380 -36.76 -6.84 13.48
CA ARG B 380 -37.96 -6.09 13.85
C ARG B 380 -38.28 -6.22 15.35
N GLU B 381 -38.33 -7.46 15.82
CA GLU B 381 -38.63 -7.79 17.22
C GLU B 381 -37.61 -7.14 18.16
N ALA B 382 -36.33 -7.26 17.82
CA ALA B 382 -35.27 -6.64 18.63
C ALA B 382 -35.42 -5.11 18.73
N VAL B 383 -35.62 -4.44 17.61
CA VAL B 383 -35.78 -2.99 17.62
C VAL B 383 -36.98 -2.59 18.50
N LEU B 384 -38.14 -3.21 18.28
CA LEU B 384 -39.33 -2.86 19.03
C LEU B 384 -39.19 -3.13 20.54
N ALA B 385 -38.50 -4.22 20.88
CA ALA B 385 -38.26 -4.60 22.28
C ALA B 385 -37.36 -3.57 22.98
N VAL B 386 -36.21 -3.28 22.39
CA VAL B 386 -35.26 -2.36 23.06
C VAL B 386 -35.78 -0.93 23.12
N ALA B 387 -36.60 -0.54 22.15
CA ALA B 387 -37.10 0.83 22.11
C ALA B 387 -38.19 1.10 23.15
N SER B 388 -38.84 0.04 23.62
CA SER B 388 -39.99 0.18 24.52
C SER B 388 -39.72 -0.32 25.94
N ASP B 389 -38.54 -0.86 26.18
CA ASP B 389 -38.25 -1.45 27.49
C ASP B 389 -37.88 -0.35 28.50
N PRO B 390 -38.70 -0.18 29.55
CA PRO B 390 -38.41 0.86 30.56
C PRO B 390 -37.10 0.65 31.31
N GLY B 391 -36.71 -0.60 31.54
CA GLY B 391 -35.44 -0.91 32.22
C GLY B 391 -34.27 -0.48 31.35
N VAL B 392 -34.34 -0.80 30.05
CA VAL B 392 -33.32 -0.31 29.10
C VAL B 392 -33.23 1.20 29.12
N ALA B 393 -34.37 1.88 29.04
CA ALA B 393 -34.42 3.33 29.11
C ALA B 393 -33.72 3.85 30.38
N GLU B 394 -33.95 3.18 31.51
CA GLU B 394 -33.37 3.63 32.78
C GLU B 394 -31.85 3.46 32.77
N ARG B 395 -31.39 2.30 32.32
CA ARG B 395 -29.94 2.04 32.29
C ARG B 395 -29.24 2.94 31.29
N LEU B 396 -29.91 3.22 30.17
CA LEU B 396 -29.36 4.18 29.20
C LEU B 396 -29.26 5.59 29.76
N ALA B 397 -30.29 6.02 30.50
CA ALA B 397 -30.24 7.34 31.15
C ALA B 397 -29.02 7.46 32.09
N ALA B 398 -28.77 6.41 32.86
CA ALA B 398 -27.67 6.36 33.82
C ALA B 398 -26.31 6.38 33.13
N VAL B 399 -26.18 5.60 32.06
CA VAL B 399 -24.94 5.57 31.28
C VAL B 399 -24.67 6.91 30.61
N ARG B 400 -25.71 7.54 30.08
CA ARG B 400 -25.55 8.88 29.51
C ARG B 400 -24.97 9.85 30.54
N GLN B 401 -25.45 9.78 31.78
CA GLN B 401 -24.94 10.68 32.83
C GLN B 401 -23.49 10.30 33.17
N GLU B 402 -23.20 9.00 33.21
CA GLU B 402 -21.82 8.56 33.47
C GLU B 402 -20.87 9.16 32.42
N ILE B 403 -21.32 9.18 31.16
CA ILE B 403 -20.51 9.74 30.09
C ILE B 403 -20.31 11.25 30.28
N ARG B 404 -21.38 11.95 30.66
CA ARG B 404 -21.31 13.37 30.94
C ARG B 404 -20.30 13.70 32.05
N GLU B 405 -20.07 12.73 32.95
CA GLU B 405 -19.16 12.87 34.10
C GLU B 405 -17.77 12.32 33.85
N ALA B 406 -17.55 11.70 32.68
CA ALA B 406 -16.32 10.93 32.47
C ALA B 406 -15.11 11.82 32.19
N GLY B 407 -15.36 13.05 31.76
CA GLY B 407 -14.29 14.07 31.54
C GLY B 407 -14.16 14.53 30.11
N GLY B 408 -14.32 13.59 29.17
CA GLY B 408 -14.29 13.90 27.74
C GLY B 408 -13.03 14.63 27.26
N ALA B 409 -13.22 15.48 26.26
CA ALA B 409 -12.11 16.21 25.63
C ALA B 409 -11.44 17.17 26.63
N ARG B 410 -12.25 17.77 27.52
CA ARG B 410 -11.71 18.66 28.56
C ARG B 410 -10.71 17.95 29.46
N ALA B 411 -11.09 16.77 29.94
CA ALA B 411 -10.18 15.98 30.79
C ALA B 411 -8.97 15.54 30.00
N ALA B 412 -9.18 15.10 28.75
CA ALA B 412 -8.07 14.68 27.91
C ALA B 412 -7.06 15.81 27.71
N ALA B 413 -7.57 17.02 27.46
CA ALA B 413 -6.71 18.18 27.25
C ALA B 413 -5.95 18.52 28.54
N ASP B 414 -6.61 18.38 29.69
CA ASP B 414 -5.96 18.62 30.97
C ASP B 414 -4.74 17.69 31.18
N ILE B 415 -4.93 16.40 30.88
CA ILE B 415 -3.87 15.41 31.04
C ILE B 415 -2.67 15.78 30.17
N LEU B 416 -2.96 16.17 28.92
CA LEU B 416 -1.92 16.56 27.97
C LEU B 416 -1.18 17.81 28.46
N GLU B 417 -1.93 18.75 29.00
CA GLU B 417 -1.33 19.97 29.50
C GLU B 417 -0.40 19.74 30.69
N GLY B 418 -0.73 18.76 31.54
CA GLY B 418 0.14 18.41 32.69
C GLY B 418 1.47 17.85 32.20
N ILE B 419 1.42 17.07 31.12
CA ILE B 419 2.63 16.52 30.50
C ILE B 419 3.46 17.65 29.86
N LEU B 420 2.78 18.57 29.19
CA LEU B 420 3.44 19.76 28.63
C LEU B 420 4.07 20.65 29.69
N ALA B 421 3.44 20.75 30.85
CA ALA B 421 3.93 21.60 31.94
C ALA B 421 5.34 21.15 32.34
N GLU B 422 5.58 19.85 32.32
CA GLU B 422 6.88 19.32 32.71
C GLU B 422 7.89 19.30 31.57
N ALA B 423 7.40 19.18 30.33
CA ALA B 423 8.27 18.92 29.18
C ALA B 423 9.20 20.10 28.83
N1 UDP C . 20.36 -9.34 -15.97
C2 UDP C . 20.96 -10.47 -15.42
N3 UDP C . 22.17 -10.92 -15.93
C4 UDP C . 22.80 -10.25 -16.96
C5 UDP C . 22.21 -9.11 -17.52
C6 UDP C . 20.99 -8.67 -17.00
O2 UDP C . 20.43 -11.10 -14.51
O4 UDP C . 23.87 -10.69 -17.37
C1' UDP C . 19.08 -8.88 -15.42
C2' UDP C . 19.27 -7.69 -14.47
O2' UDP C . 19.62 -8.12 -13.18
C3' UDP C . 17.92 -6.97 -14.57
C4' UDP C . 17.44 -7.32 -15.98
O4' UDP C . 18.22 -8.42 -16.44
O3' UDP C . 16.98 -7.49 -13.64
C5' UDP C . 17.59 -6.20 -17.02
O5' UDP C . 16.53 -5.29 -16.82
PA UDP C . 16.70 -3.73 -17.12
O1A UDP C . 15.48 -3.08 -16.66
O2A UDP C . 17.93 -3.15 -16.50
O3A UDP C . 17.11 -3.56 -18.65
PB UDP C . 16.46 -4.13 -19.98
O1B UDP C . 16.90 -5.54 -20.11
O2B UDP C . 16.96 -3.27 -21.04
O3B UDP C . 14.98 -4.05 -19.84
C10 ZIO D . 3.39 2.39 -23.65
C11 ZIO D . 4.09 3.46 -22.77
C12 ZIO D . 3.51 3.86 -21.38
C13 ZIO D . 4.45 4.91 -20.72
O2 ZIO D . 5.70 4.27 -20.48
C2 ZIO D . 8.04 3.62 -21.14
C3 ZIO D . 8.35 3.02 -22.54
C4 ZIO D . 8.79 1.51 -22.51
C5 ZIO D . 8.88 0.86 -23.93
C6 ZIO D . 7.56 0.95 -24.79
C7 ZIO D . 6.54 -0.01 -24.13
C8 ZIO D . 5.04 0.30 -24.07
C9 ZIO D . 4.48 1.67 -24.47
O11 ZIO D . 4.96 2.33 -25.61
C1 ZIO D . 6.82 4.55 -21.28
O1 ZIO D . 6.79 5.56 -22.25
O3 ZIO D . 9.31 3.80 -23.23
O7 ZIO D . 9.15 -0.53 -23.76
C34 ZIO D . 2.23 2.86 -24.53
C33 ZIO D . 4.17 -0.85 -24.61
C35 ZIO D . 3.34 2.67 -20.42
O12 ZIO D . 4.40 4.59 -23.57
C36 ZIO D . 3.94 5.49 -19.39
C30 ZIO D . 9.17 4.41 -20.45
C32 ZIO D . 7.74 0.59 -26.28
C22 ZIO D . 10.44 -0.90 -24.23
C23 ZIO D . 10.74 -2.28 -23.65
C24 ZIO D . 12.03 -2.87 -24.26
C25 ZIO D . 12.02 -2.78 -25.80
C26 ZIO D . 11.73 -1.33 -26.21
O9 ZIO D . 10.49 -0.92 -25.65
N1 ZIO D . 12.33 -4.20 -23.73
C27 ZIO D . 11.59 -1.16 -27.73
O8 ZIO D . 10.88 -2.21 -22.24
C28 ZIO D . 13.67 -4.69 -24.12
C14 ZIO D . 8.98 4.39 -24.47
C15 ZIO D . 9.49 5.85 -24.45
C16 ZIO D . 11.05 5.92 -24.49
C17 ZIO D . 11.58 5.04 -25.65
C18 ZIO D . 10.94 3.63 -25.59
O4 ZIO D . 9.51 3.66 -25.57
O5 ZIO D . 11.51 7.27 -24.66
O6 ZIO D . 12.98 4.87 -25.53
O10 ZIO D . 4.22 -0.50 -23.24
C20 ZIO D . 11.35 8.04 -23.47
C29 ZIO D . 11.29 -5.24 -23.81
C21 ZIO D . 11.34 2.73 -26.77
C31 ZIO D . 10.08 1.33 -21.67
N1 UDP E . -20.20 7.51 10.60
C2 UDP E . -20.86 8.60 10.05
N3 UDP E . -21.76 8.40 9.03
C4 UDP E . -22.02 7.12 8.57
C5 UDP E . -21.37 6.03 9.14
C6 UDP E . -20.40 6.24 10.12
O2 UDP E . -20.64 9.75 10.44
O4 UDP E . -22.83 6.99 7.65
C1' UDP E . -19.23 7.74 11.69
C2' UDP E . -19.78 7.40 13.05
O2' UDP E . -20.50 8.49 13.57
C3' UDP E . -18.51 7.05 13.82
C4' UDP E . -17.59 6.48 12.75
O4' UDP E . -18.13 6.87 11.51
O3' UDP E . -17.95 8.20 14.41
C5' UDP E . -17.50 4.96 12.74
O5' UDP E . -16.62 4.57 13.78
PA UDP E . -16.86 3.23 14.64
O1A UDP E . -15.87 3.21 15.74
O2A UDP E . -18.25 3.06 15.08
O3A UDP E . -16.66 1.98 13.67
PB UDP E . -15.61 1.71 12.50
O1B UDP E . -15.89 2.54 11.31
O2B UDP E . -15.84 0.30 12.20
O3B UDP E . -14.23 1.95 13.01
C10 ZIO F . -2.70 -3.82 18.40
C11 ZIO F . -3.81 -4.04 19.45
C12 ZIO F . -3.73 -3.43 20.90
C13 ZIO F . -4.96 -3.90 21.72
O2 ZIO F . -6.11 -3.40 21.05
C2 ZIO F . -8.02 -3.68 19.45
C3 ZIO F . -7.79 -4.25 18.00
C4 ZIO F . -8.06 -3.16 16.91
C5 ZIO F . -7.60 -3.59 15.48
C6 ZIO F . -6.10 -3.99 15.38
C7 ZIO F . -5.17 -2.76 15.55
C8 ZIO F . -3.73 -2.95 16.08
C9 ZIO F . -3.31 -4.09 17.01
O11 ZIO F . -3.44 -5.43 16.58
C1 ZIO F . -6.96 -4.28 20.37
O1 ZIO F . -6.82 -5.67 20.49
O3 ZIO F . -8.55 -5.43 17.75
O7 ZIO F . -7.81 -2.50 14.59
C34 ZIO F . -1.39 -4.61 18.58
C33 ZIO F . -2.64 -2.78 15.01
C35 ZIO F . -3.61 -1.89 20.92
O12 ZIO F . -4.05 -5.43 19.49
C36 ZIO F . -5.01 -3.45 23.18
C30 ZIO F . -9.39 -3.97 20.09
C32 ZIO F . -5.79 -4.74 14.07
C22 ZIO F . -8.78 -2.73 13.57
C23 ZIO F . -9.11 -1.35 13.02
C24 ZIO F . -10.07 -1.49 11.82
C25 ZIO F . -9.53 -2.53 10.83
C26 ZIO F . -9.24 -3.87 11.54
O9 ZIO F . -8.31 -3.66 12.59
N1 ZIO F . -10.41 -0.18 11.23
C27 ZIO F . -8.62 -4.91 10.61
O8 ZIO F . -9.71 -0.53 14.02
C28 ZIO F . -11.51 -0.25 10.25
C14 ZIO F . -7.84 -6.63 17.42
C15 ZIO F . -8.47 -7.79 18.21
C16 ZIO F . -9.92 -8.05 17.73
C17 ZIO F . -10.01 -8.23 16.19
C18 ZIO F . -9.22 -7.09 15.51
O4 ZIO F . -7.88 -6.94 16.03
O5 ZIO F . -10.50 -9.19 18.35
O6 ZIO F . -11.36 -8.21 15.73
O10 ZIO F . -2.84 -1.84 16.06
C20 ZIO F . -10.94 -8.92 19.67
C29 ZIO F . -9.31 0.73 10.82
C21 ZIO F . -9.09 -7.31 13.99
C31 ZIO F . -9.51 -2.66 16.98
#